data_1RM0
#
_entry.id   1RM0
#
_cell.length_a   151.81
_cell.length_b   97.78
_cell.length_c   122.29
_cell.angle_alpha   90
_cell.angle_beta   126.3
_cell.angle_gamma   90
#
_symmetry.space_group_name_H-M   'C 1 2 1'
#
loop_
_entity.id
_entity.type
_entity.pdbx_description
1 polymer 'myo-inositol-phosphate synthase'
2 non-polymer 'MANGANESE (II) ION'
3 non-polymer '(3,4,5,7-TETRAHYDROXY-HEPT-1-ENYL)-PHOSPHONIC ACID'
4 non-polymer '1,4-DIHYDRONICOTINAMIDE ADENINE DINUCLEOTIDE'
5 water water
#
_entity_poly.entity_id   1
_entity_poly.type   'polypeptide(L)'
_entity_poly.pdbx_seq_one_letter_code
;MTEDNIAPITSVKVVTDKCTYKDNELLTKYSYENAVVTKTASGRFDVTPTVQDYVFKLDLKKPEKLGIMLIGLGGNNGST
LVASVLANKHNVEFQTKEGVKQPNYFGSMTQCSTLKLGIDAEGNDVYAPFNSLLPMVSPNDFVVSGWDINNADLYEAMQR
SQVLEYDLQQRLKAKMSLVKPLPSIYYPDFIAANQDERANNCINLDEKGNVTTRGKWTHLQRIRRDIQNFKEENALDKVI
VLWTANTERYVEVSPGVNDTMENLLQSIKNDHEEIAPSTIFAAASILEGVPYINGSPQNTFVPGLVQLAEHEGTFIAGDD
LKSGQTKLKSVLAQFLVDAGIKPVSIASYNHLGNNDGYNLSAPKQFRSKEISKSSVIDDIIASNDILYNDKLGKKVDHCI
VIKYMKPVGDSKVAMDEYYSELMLGGHNRISIHNVCEDSLLATPLIIDLLVMTEFCTRVSYKKVDPVKEDAGKFENFYPV
LTFLSYWLKAPLTRPGFHPVNGLNKQRTALENFLRLLIGLPSQNELRFEERLL
;
_entity_poly.pdbx_strand_id   A,B
#
loop_
_chem_comp.id
_chem_comp.type
_chem_comp.name
_chem_comp.formula
D6P non-polymer '(3,4,5,7-TETRAHYDROXY-HEPT-1-ENYL)-PHOSPHONIC ACID' 'C7 H15 O7 P'
MN non-polymer 'MANGANESE (II) ION' 'Mn 2'
NAI non-polymer '1,4-DIHYDRONICOTINAMIDE ADENINE DINUCLEOTIDE' 'C21 H29 N7 O14 P2'
#
# COMPACT_ATOMS: atom_id res chain seq x y z
N ILE A 9 30.37 6.46 -1.08
CA ILE A 9 29.22 7.23 -1.64
C ILE A 9 28.36 6.36 -2.54
N THR A 10 27.06 6.65 -2.56
CA THR A 10 26.13 5.90 -3.39
C THR A 10 25.67 6.74 -4.57
N SER A 11 25.72 6.16 -5.77
CA SER A 11 25.31 6.87 -6.97
C SER A 11 24.78 5.88 -7.99
N VAL A 12 23.97 6.39 -8.91
CA VAL A 12 23.40 5.55 -9.94
C VAL A 12 23.79 6.07 -11.32
N LYS A 13 24.15 5.15 -12.22
CA LYS A 13 24.53 5.48 -13.58
C LYS A 13 23.63 4.69 -14.54
N VAL A 14 22.69 5.38 -15.18
CA VAL A 14 21.77 4.72 -16.10
C VAL A 14 22.21 4.86 -17.56
N VAL A 15 22.43 3.74 -18.24
CA VAL A 15 22.81 3.72 -19.65
C VAL A 15 21.57 3.93 -20.50
N THR A 16 21.33 5.18 -20.91
CA THR A 16 20.16 5.51 -21.71
C THR A 16 20.50 6.68 -22.61
N ASP A 17 19.86 6.75 -23.77
CA ASP A 17 20.08 7.83 -24.71
C ASP A 17 19.07 8.94 -24.46
N LYS A 18 18.24 8.76 -23.44
CA LYS A 18 17.22 9.74 -23.08
C LYS A 18 17.80 10.85 -22.20
N CYS A 19 19.02 10.62 -21.72
CA CYS A 19 19.69 11.56 -20.82
C CYS A 19 21.05 12.08 -21.30
N THR A 20 21.21 13.40 -21.28
CA THR A 20 22.47 14.04 -21.65
C THR A 20 22.82 15.07 -20.58
N TYR A 21 24.11 15.34 -20.41
CA TYR A 21 24.56 16.30 -19.43
C TYR A 21 25.24 17.49 -20.11
N LYS A 22 24.86 18.69 -19.70
CA LYS A 22 25.44 19.91 -20.29
C LYS A 22 25.59 21.02 -19.26
N ASP A 23 26.82 21.21 -18.77
CA ASP A 23 27.11 22.27 -17.80
C ASP A 23 26.36 22.15 -16.49
N ASN A 24 26.64 21.09 -15.75
CA ASN A 24 25.98 20.85 -14.46
C ASN A 24 24.47 20.73 -14.57
N GLU A 25 23.99 20.35 -15.75
CA GLU A 25 22.56 20.17 -15.97
C GLU A 25 22.29 18.86 -16.68
N LEU A 26 21.29 18.14 -16.19
CA LEU A 26 20.89 16.88 -16.77
C LEU A 26 19.65 17.18 -17.60
N LEU A 27 19.66 16.70 -18.84
CA LEU A 27 18.52 16.88 -19.74
C LEU A 27 18.00 15.49 -20.03
N THR A 28 16.71 15.29 -19.78
CA THR A 28 16.11 13.98 -19.97
C THR A 28 14.83 14.03 -20.76
N LYS A 29 14.72 13.11 -21.72
CA LYS A 29 13.53 13.03 -22.56
C LYS A 29 12.52 12.11 -21.87
N TYR A 30 11.24 12.45 -21.93
CA TYR A 30 10.25 11.59 -21.32
C TYR A 30 8.92 11.68 -22.03
N SER A 31 8.32 10.53 -22.30
CA SER A 31 7.03 10.49 -22.96
C SER A 31 6.03 10.12 -21.87
N TYR A 32 5.18 11.08 -21.52
CA TYR A 32 4.19 10.86 -20.49
C TYR A 32 2.90 10.35 -21.11
N GLU A 33 2.44 9.20 -20.60
CA GLU A 33 1.22 8.60 -21.10
C GLU A 33 0.15 8.55 -20.03
N ASN A 34 -1.09 8.76 -20.44
CA ASN A 34 -2.23 8.73 -19.52
C ASN A 34 -3.42 8.38 -20.42
N ALA A 35 -4.63 8.66 -19.97
CA ALA A 35 -5.79 8.36 -20.79
C ALA A 35 -7.03 9.09 -20.30
N VAL A 36 -7.83 9.58 -21.23
CA VAL A 36 -9.06 10.28 -20.86
C VAL A 36 -10.21 9.30 -21.04
N VAL A 37 -11.04 9.19 -20.01
CA VAL A 37 -12.16 8.25 -20.00
C VAL A 37 -13.51 8.96 -19.97
N THR A 38 -14.50 8.32 -20.58
CA THR A 38 -15.86 8.84 -20.61
C THR A 38 -16.76 7.64 -20.34
N LYS A 39 -17.88 7.88 -19.68
CA LYS A 39 -18.78 6.79 -19.35
C LYS A 39 -20.14 6.96 -20.02
N THR A 40 -20.47 6.04 -20.92
CA THR A 40 -21.72 6.07 -21.65
C THR A 40 -22.92 5.91 -20.73
N ALA A 41 -24.04 6.48 -21.13
CA ALA A 41 -25.26 6.37 -20.34
C ALA A 41 -25.47 4.89 -20.10
N SER A 42 -25.33 4.11 -21.18
CA SER A 42 -25.49 2.66 -21.12
C SER A 42 -24.64 2.12 -19.98
N GLY A 43 -23.34 2.39 -20.02
CA GLY A 43 -22.45 1.94 -18.98
C GLY A 43 -21.10 1.49 -19.51
N ARG A 44 -20.71 2.01 -20.66
CA ARG A 44 -19.43 1.65 -21.25
C ARG A 44 -18.40 2.74 -20.97
N PHE A 45 -17.15 2.34 -20.79
CA PHE A 45 -16.10 3.29 -20.52
C PHE A 45 -15.28 3.43 -21.79
N ASP A 46 -15.30 4.61 -22.39
CA ASP A 46 -14.51 4.84 -23.60
C ASP A 46 -13.23 5.49 -23.13
N VAL A 47 -12.12 4.80 -23.35
CA VAL A 47 -10.81 5.27 -22.91
C VAL A 47 -9.92 5.74 -24.06
N THR A 48 -9.60 7.03 -24.07
CA THR A 48 -8.75 7.55 -25.12
C THR A 48 -7.36 7.78 -24.56
N PRO A 49 -6.42 6.91 -24.89
CA PRO A 49 -5.05 7.07 -24.39
C PRO A 49 -4.54 8.44 -24.79
N THR A 50 -3.49 8.92 -24.13
CA THR A 50 -2.92 10.20 -24.49
C THR A 50 -1.41 10.12 -24.38
N VAL A 51 -0.75 11.15 -24.86
CA VAL A 51 0.70 11.20 -24.78
C VAL A 51 1.12 12.63 -24.94
N GLN A 52 2.19 12.99 -24.25
CA GLN A 52 2.74 14.33 -24.29
C GLN A 52 4.19 14.12 -23.96
N ASP A 53 5.07 14.48 -24.88
CA ASP A 53 6.49 14.33 -24.68
C ASP A 53 7.06 15.57 -24.00
N TYR A 54 8.10 15.34 -23.20
CA TYR A 54 8.76 16.40 -22.46
C TYR A 54 10.25 16.25 -22.42
N VAL A 55 10.89 17.33 -22.00
CA VAL A 55 12.33 17.35 -21.79
C VAL A 55 12.42 18.02 -20.42
N PHE A 56 12.93 17.27 -19.45
CA PHE A 56 13.08 17.77 -18.10
C PHE A 56 14.52 18.22 -17.95
N LYS A 57 14.70 19.31 -17.22
CA LYS A 57 16.03 19.85 -16.97
C LYS A 57 16.24 19.87 -15.46
N LEU A 58 17.30 19.22 -15.00
CA LEU A 58 17.61 19.17 -13.58
C LEU A 58 18.93 19.89 -13.31
N ASP A 59 18.85 20.95 -12.53
CA ASP A 59 20.04 21.69 -12.15
C ASP A 59 20.77 20.76 -11.17
N LEU A 60 21.95 20.29 -11.54
CA LEU A 60 22.69 19.38 -10.68
C LEU A 60 23.45 20.08 -9.57
N LYS A 61 23.66 21.37 -9.73
CA LYS A 61 24.38 22.13 -8.73
C LYS A 61 23.50 22.35 -7.49
N LYS A 62 23.47 21.38 -6.59
CA LYS A 62 22.67 21.52 -5.38
C LYS A 62 23.42 22.48 -4.44
N PRO A 63 22.69 23.26 -3.61
CA PRO A 63 23.36 24.18 -2.70
C PRO A 63 24.14 23.48 -1.57
N GLU A 64 25.28 24.06 -1.20
CA GLU A 64 26.13 23.49 -0.15
C GLU A 64 25.48 23.63 1.22
N LYS A 65 24.63 24.64 1.36
CA LYS A 65 23.90 24.90 2.61
C LYS A 65 22.52 25.38 2.20
N LEU A 66 21.49 24.89 2.87
CA LEU A 66 20.13 25.29 2.56
C LEU A 66 19.52 25.98 3.78
N GLY A 67 19.10 27.22 3.58
CA GLY A 67 18.50 27.97 4.65
C GLY A 67 17.11 27.44 4.95
N ILE A 68 16.83 27.25 6.23
CA ILE A 68 15.56 26.74 6.71
C ILE A 68 15.03 27.68 7.81
N MET A 69 13.87 28.28 7.57
CA MET A 69 13.25 29.17 8.55
C MET A 69 11.92 28.62 9.00
N LEU A 70 11.89 28.08 10.22
CA LEU A 70 10.69 27.50 10.78
C LEU A 70 9.89 28.49 11.60
N ILE A 71 8.58 28.48 11.38
CA ILE A 71 7.69 29.33 12.15
C ILE A 71 7.23 28.34 13.20
N GLY A 72 7.61 28.58 14.45
CA GLY A 72 7.28 27.68 15.54
C GLY A 72 8.57 26.96 15.91
N LEU A 73 9.68 27.63 15.64
CA LEU A 73 11.00 27.11 15.90
C LEU A 73 11.24 26.63 17.34
N GLY A 74 10.52 27.21 18.29
CA GLY A 74 10.69 26.84 19.68
C GLY A 74 9.77 25.74 20.17
N GLY A 75 9.00 25.15 19.27
CA GLY A 75 8.08 24.11 19.67
C GLY A 75 8.73 22.73 19.74
N ASN A 76 7.91 21.69 19.87
CA ASN A 76 8.41 20.33 19.93
C ASN A 76 9.10 19.97 18.61
N ASN A 77 8.39 20.15 17.50
CA ASN A 77 8.96 19.83 16.19
C ASN A 77 10.16 20.71 15.88
N GLY A 78 10.02 22.01 16.10
CA GLY A 78 11.11 22.92 15.80
C GLY A 78 12.42 22.59 16.49
N SER A 79 12.40 22.42 17.80
CA SER A 79 13.61 22.12 18.57
C SER A 79 14.16 20.76 18.21
N THR A 80 13.27 19.79 18.02
CA THR A 80 13.69 18.45 17.67
C THR A 80 14.38 18.47 16.31
N LEU A 81 13.86 19.25 15.37
CA LEU A 81 14.50 19.30 14.06
C LEU A 81 15.92 19.83 14.17
N VAL A 82 16.09 20.94 14.86
CA VAL A 82 17.43 21.50 15.02
C VAL A 82 18.35 20.49 15.72
N ALA A 83 17.79 19.79 16.71
CA ALA A 83 18.55 18.81 17.45
C ALA A 83 19.01 17.66 16.56
N SER A 84 18.10 17.17 15.71
CA SER A 84 18.40 16.06 14.80
C SER A 84 19.49 16.45 13.82
N VAL A 85 19.42 17.69 13.34
CA VAL A 85 20.40 18.19 12.39
C VAL A 85 21.76 18.30 13.04
N LEU A 86 21.80 18.89 14.23
CA LEU A 86 23.07 19.04 14.95
C LEU A 86 23.66 17.69 15.33
N ALA A 87 22.81 16.81 15.87
CA ALA A 87 23.24 15.49 16.29
C ALA A 87 23.82 14.69 15.14
N ASN A 88 23.13 14.67 14.01
CA ASN A 88 23.62 13.92 12.86
C ASN A 88 24.83 14.56 12.21
N LYS A 89 24.76 15.87 12.00
CA LYS A 89 25.86 16.59 11.39
C LYS A 89 27.17 16.34 12.13
N HIS A 90 27.11 16.39 13.45
CA HIS A 90 28.30 16.20 14.29
C HIS A 90 28.47 14.82 14.90
N ASN A 91 27.64 13.87 14.47
CA ASN A 91 27.73 12.50 14.98
C ASN A 91 27.78 12.50 16.51
N VAL A 92 26.76 13.12 17.10
CA VAL A 92 26.66 13.21 18.53
C VAL A 92 26.01 11.97 19.10
N GLU A 93 26.83 10.98 19.46
CA GLU A 93 26.27 9.77 20.04
C GLU A 93 25.80 10.15 21.43
N PHE A 94 24.87 9.38 21.97
CA PHE A 94 24.31 9.67 23.28
C PHE A 94 23.99 8.39 24.05
N GLN A 95 23.95 8.52 25.38
CA GLN A 95 23.67 7.39 26.27
C GLN A 95 22.19 7.21 26.54
N THR A 96 21.78 5.95 26.66
CA THR A 96 20.39 5.57 26.95
C THR A 96 20.45 4.33 27.83
N LYS A 97 19.30 3.82 28.26
CA LYS A 97 19.34 2.61 29.08
C LYS A 97 19.68 1.41 28.20
N GLU A 98 19.57 1.57 26.89
CA GLU A 98 19.90 0.49 25.97
C GLU A 98 21.32 0.67 25.49
N GLY A 99 22.03 1.65 26.07
CA GLY A 99 23.41 1.91 25.69
C GLY A 99 23.64 3.11 24.78
N VAL A 100 24.88 3.26 24.32
CA VAL A 100 25.22 4.35 23.42
C VAL A 100 24.46 4.19 22.12
N LYS A 101 23.91 5.28 21.61
CA LYS A 101 23.20 5.22 20.35
C LYS A 101 23.80 6.22 19.37
N GLN A 102 23.82 5.83 18.10
CA GLN A 102 24.36 6.69 17.06
C GLN A 102 23.20 7.44 16.44
N PRO A 103 23.37 8.75 16.21
CA PRO A 103 22.33 9.59 15.62
C PRO A 103 21.95 9.04 14.25
N ASN A 104 20.71 9.23 13.85
CA ASN A 104 20.27 8.78 12.53
C ASN A 104 19.05 9.58 12.14
N TYR A 105 18.55 9.34 10.94
CA TYR A 105 17.36 10.03 10.46
C TYR A 105 16.25 9.03 10.22
N PHE A 106 16.13 8.03 11.09
CA PHE A 106 15.06 7.06 10.94
C PHE A 106 13.75 7.83 10.92
N GLY A 107 12.81 7.38 10.09
CA GLY A 107 11.53 8.06 10.02
C GLY A 107 11.50 8.95 8.79
N SER A 108 12.68 9.15 8.20
CA SER A 108 12.82 9.96 7.00
C SER A 108 12.78 9.05 5.76
N MET A 109 11.75 9.26 4.94
CA MET A 109 11.55 8.48 3.73
C MET A 109 12.65 8.87 2.75
N THR A 110 13.02 10.14 2.81
CA THR A 110 14.04 10.72 1.95
C THR A 110 15.46 10.25 2.31
N GLN A 111 15.72 10.04 3.60
CA GLN A 111 17.04 9.63 4.05
C GLN A 111 17.20 8.16 4.36
N CYS A 112 16.10 7.49 4.67
CA CYS A 112 16.17 6.09 5.03
C CYS A 112 15.35 5.07 4.25
N SER A 113 14.73 5.49 3.14
CA SER A 113 13.97 4.52 2.35
C SER A 113 14.76 4.22 1.08
N THR A 114 14.46 3.09 0.44
CA THR A 114 15.16 2.71 -0.77
C THR A 114 14.15 2.52 -1.88
N LEU A 115 14.66 2.40 -3.10
CA LEU A 115 13.81 2.22 -4.27
C LEU A 115 14.41 1.15 -5.17
N LYS A 116 13.55 0.35 -5.78
CA LYS A 116 14.02 -0.71 -6.68
C LYS A 116 14.48 -0.13 -8.02
N LEU A 117 15.76 -0.32 -8.35
CA LEU A 117 16.30 0.17 -9.61
C LEU A 117 16.08 -0.84 -10.74
N GLY A 118 16.02 -2.11 -10.36
CA GLY A 118 15.80 -3.17 -11.34
C GLY A 118 16.14 -4.51 -10.74
N ILE A 119 16.55 -5.46 -11.58
CA ILE A 119 16.92 -6.80 -11.15
C ILE A 119 18.38 -7.06 -11.50
N ASP A 120 19.01 -7.97 -10.79
CA ASP A 120 20.42 -8.27 -11.05
C ASP A 120 20.61 -9.44 -12.00
N ALA A 121 21.86 -9.89 -12.14
CA ALA A 121 22.19 -11.00 -13.01
C ALA A 121 21.34 -12.22 -12.68
N GLU A 122 21.19 -12.51 -11.39
CA GLU A 122 20.40 -13.65 -10.94
C GLU A 122 18.90 -13.41 -11.07
N GLY A 123 18.50 -12.15 -11.25
CA GLY A 123 17.09 -11.84 -11.39
C GLY A 123 16.45 -11.37 -10.09
N ASN A 124 17.29 -11.05 -9.12
CA ASN A 124 16.82 -10.57 -7.83
C ASN A 124 16.77 -9.05 -7.79
N ASP A 125 15.71 -8.53 -7.17
CA ASP A 125 15.51 -7.09 -7.04
C ASP A 125 16.70 -6.35 -6.47
N VAL A 126 17.01 -5.19 -7.04
CA VAL A 126 18.10 -4.37 -6.55
C VAL A 126 17.57 -3.01 -6.12
N TYR A 127 17.86 -2.62 -4.87
CA TYR A 127 17.39 -1.36 -4.33
C TYR A 127 18.53 -0.42 -4.02
N ALA A 128 18.26 0.88 -4.18
CA ALA A 128 19.23 1.92 -3.89
C ALA A 128 18.56 3.01 -3.07
N PRO A 129 19.34 3.76 -2.28
CA PRO A 129 18.75 4.82 -1.47
C PRO A 129 17.90 5.79 -2.31
N PHE A 130 16.77 6.21 -1.73
CA PHE A 130 15.86 7.15 -2.36
C PHE A 130 16.63 8.41 -2.78
N ASN A 131 17.63 8.78 -1.99
CA ASN A 131 18.39 9.96 -2.29
C ASN A 131 19.68 9.70 -3.04
N SER A 132 19.81 8.53 -3.66
CA SER A 132 21.04 8.23 -4.39
C SER A 132 20.85 8.27 -5.90
N LEU A 133 19.60 8.40 -6.36
CA LEU A 133 19.34 8.47 -7.80
C LEU A 133 19.84 9.78 -8.38
N LEU A 134 19.40 10.90 -7.80
CA LEU A 134 19.80 12.24 -8.25
C LEU A 134 20.22 13.10 -7.06
N PRO A 135 21.13 14.06 -7.28
CA PRO A 135 21.61 14.94 -6.22
C PRO A 135 20.52 15.65 -5.40
N MET A 136 20.52 15.38 -4.10
CA MET A 136 19.58 15.99 -3.17
C MET A 136 20.37 16.60 -2.01
N VAL A 137 19.79 17.60 -1.36
CA VAL A 137 20.46 18.25 -0.23
C VAL A 137 20.32 17.39 1.02
N SER A 138 21.40 17.30 1.79
CA SER A 138 21.40 16.53 3.02
C SER A 138 20.90 17.40 4.17
N PRO A 139 20.07 16.84 5.06
CA PRO A 139 19.61 17.69 6.16
C PRO A 139 20.79 18.14 7.02
N ASN A 140 21.93 17.46 6.89
CA ASN A 140 23.11 17.85 7.66
C ASN A 140 23.62 19.18 7.14
N ASP A 141 23.06 19.62 6.01
CA ASP A 141 23.49 20.87 5.42
C ASP A 141 22.46 21.98 5.60
N PHE A 142 21.49 21.73 6.48
CA PHE A 142 20.47 22.71 6.79
C PHE A 142 21.03 23.75 7.76
N VAL A 143 20.76 25.01 7.48
CA VAL A 143 21.16 26.12 8.34
C VAL A 143 19.78 26.59 8.81
N VAL A 144 19.42 26.25 10.04
CA VAL A 144 18.10 26.54 10.55
C VAL A 144 17.90 27.74 11.50
N SER A 145 16.78 28.40 11.31
CA SER A 145 16.41 29.53 12.15
C SER A 145 14.90 29.64 12.05
N GLY A 146 14.35 30.80 12.37
CA GLY A 146 12.92 30.92 12.30
C GLY A 146 12.37 31.84 13.37
N TRP A 147 11.06 31.76 13.59
CA TRP A 147 10.37 32.61 14.53
C TRP A 147 9.57 31.83 15.56
N ASP A 148 9.21 32.52 16.63
CA ASP A 148 8.39 31.92 17.68
C ASP A 148 7.92 33.01 18.63
N ILE A 149 6.62 33.00 18.95
CA ILE A 149 6.07 33.98 19.86
C ILE A 149 6.64 33.81 21.27
N ASN A 150 7.44 32.76 21.48
CA ASN A 150 8.08 32.54 22.78
C ASN A 150 9.59 32.64 22.58
N ASN A 151 10.24 33.39 23.45
CA ASN A 151 11.69 33.61 23.32
C ASN A 151 12.65 32.59 23.89
N ALA A 152 12.14 31.51 24.48
CA ALA A 152 13.04 30.50 25.05
C ALA A 152 14.07 30.05 24.01
N ASP A 153 15.32 29.85 24.43
CA ASP A 153 16.32 29.40 23.47
C ASP A 153 16.03 27.93 23.17
N LEU A 154 16.72 27.34 22.21
CA LEU A 154 16.43 25.96 21.86
C LEU A 154 16.80 24.86 22.85
N TYR A 155 17.64 25.18 23.83
CA TYR A 155 17.96 24.18 24.84
C TYR A 155 16.73 24.15 25.80
N GLU A 156 16.27 25.33 26.20
CA GLU A 156 15.09 25.41 27.07
C GLU A 156 13.93 24.76 26.33
N ALA A 157 13.86 25.01 25.02
CA ALA A 157 12.80 24.43 24.20
C ALA A 157 12.83 22.90 24.30
N MET A 158 14.02 22.32 24.21
CA MET A 158 14.15 20.87 24.32
C MET A 158 13.68 20.38 25.68
N GLN A 159 14.16 21.04 26.73
CA GLN A 159 13.77 20.66 28.09
C GLN A 159 12.26 20.68 28.25
N ARG A 160 11.68 21.78 27.81
CA ARG A 160 10.24 22.00 27.86
C ARG A 160 9.48 20.95 27.05
N SER A 161 10.00 20.61 25.87
CA SER A 161 9.37 19.63 25.00
C SER A 161 9.40 18.19 25.55
N GLN A 162 10.49 17.82 26.20
CA GLN A 162 10.65 16.49 26.77
C GLN A 162 10.51 15.42 25.71
N VAL A 163 11.18 15.63 24.58
CA VAL A 163 11.13 14.67 23.49
C VAL A 163 12.39 13.83 23.45
N LEU A 164 13.54 14.50 23.53
CA LEU A 164 14.83 13.85 23.46
C LEU A 164 15.39 13.28 24.74
N GLU A 165 16.22 12.25 24.60
CA GLU A 165 16.88 11.61 25.71
C GLU A 165 17.61 12.67 26.52
N TYR A 166 17.50 12.60 27.84
CA TYR A 166 18.16 13.54 28.71
C TYR A 166 19.64 13.70 28.35
N ASP A 167 20.35 12.59 28.18
CA ASP A 167 21.77 12.67 27.85
C ASP A 167 22.03 13.40 26.54
N LEU A 168 21.16 13.19 25.55
CA LEU A 168 21.32 13.85 24.25
C LEU A 168 21.10 15.35 24.40
N GLN A 169 20.05 15.75 25.11
CA GLN A 169 19.79 17.17 25.30
C GLN A 169 21.00 17.81 25.95
N GLN A 170 21.58 17.11 26.92
CA GLN A 170 22.75 17.64 27.61
C GLN A 170 23.96 17.82 26.69
N ARG A 171 24.18 16.88 25.78
CA ARG A 171 25.31 17.00 24.86
C ARG A 171 25.08 18.13 23.85
N LEU A 172 23.82 18.41 23.56
CA LEU A 172 23.46 19.47 22.61
C LEU A 172 23.22 20.80 23.33
N LYS A 173 23.37 20.78 24.64
CA LYS A 173 23.12 21.96 25.44
C LYS A 173 23.84 23.20 24.96
N ALA A 174 25.16 23.12 24.89
CA ALA A 174 25.96 24.25 24.48
C ALA A 174 25.50 24.87 23.17
N LYS A 175 25.40 24.05 22.13
CA LYS A 175 24.99 24.58 20.85
C LYS A 175 23.53 25.07 20.83
N MET A 176 22.61 24.23 21.29
CA MET A 176 21.18 24.57 21.29
C MET A 176 20.85 25.83 22.07
N SER A 177 21.61 26.10 23.13
CA SER A 177 21.40 27.28 23.96
C SER A 177 21.60 28.58 23.20
N LEU A 178 22.51 28.57 22.24
CA LEU A 178 22.80 29.75 21.45
C LEU A 178 21.77 30.02 20.36
N VAL A 179 20.89 29.05 20.12
CA VAL A 179 19.87 29.22 19.09
C VAL A 179 18.60 29.86 19.66
N LYS A 180 18.33 31.10 19.27
CA LYS A 180 17.15 31.81 19.75
C LYS A 180 16.18 32.18 18.62
N PRO A 181 14.90 31.87 18.81
CA PRO A 181 13.86 32.18 17.82
C PRO A 181 13.71 33.68 17.65
N LEU A 182 13.40 34.13 16.43
CA LEU A 182 13.20 35.55 16.16
C LEU A 182 11.78 35.88 16.62
N PRO A 183 11.54 37.13 17.04
CA PRO A 183 10.20 37.50 17.49
C PRO A 183 9.24 37.30 16.31
N SER A 184 8.00 36.95 16.59
CA SER A 184 7.04 36.69 15.54
C SER A 184 5.77 37.51 15.65
N ILE A 185 4.80 37.15 14.81
CA ILE A 185 3.50 37.80 14.74
C ILE A 185 2.46 37.04 15.56
N TYR A 186 1.95 37.68 16.59
CA TYR A 186 0.94 37.06 17.45
C TYR A 186 -0.38 37.79 17.36
N TYR A 187 -1.40 37.12 16.82
CA TYR A 187 -2.74 37.68 16.73
C TYR A 187 -3.55 36.70 17.57
N PRO A 188 -3.86 37.10 18.81
CA PRO A 188 -4.60 36.34 19.83
C PRO A 188 -5.80 35.50 19.38
N ASP A 189 -6.60 36.03 18.47
CA ASP A 189 -7.80 35.33 18.03
C ASP A 189 -7.60 34.09 17.17
N PHE A 190 -6.42 33.92 16.58
CA PHE A 190 -6.22 32.77 15.71
C PHE A 190 -5.79 31.46 16.35
N ILE A 191 -5.33 31.49 17.61
CA ILE A 191 -4.96 30.26 18.29
C ILE A 191 -5.62 30.23 19.67
N ALA A 192 -5.52 29.09 20.35
CA ALA A 192 -6.14 28.92 21.66
C ALA A 192 -5.75 30.02 22.66
N ALA A 193 -6.69 30.36 23.53
CA ALA A 193 -6.46 31.40 24.53
C ALA A 193 -5.32 31.03 25.48
N ASN A 194 -5.22 29.74 25.79
CA ASN A 194 -4.20 29.22 26.70
C ASN A 194 -2.75 29.44 26.27
N GLN A 195 -2.54 29.95 25.05
CA GLN A 195 -1.19 30.21 24.54
C GLN A 195 -0.82 31.65 24.81
N ASP A 196 -1.74 32.38 25.41
CA ASP A 196 -1.54 33.78 25.74
C ASP A 196 -0.25 34.07 26.53
N GLU A 197 -0.07 33.37 27.65
CA GLU A 197 1.11 33.58 28.49
C GLU A 197 2.42 33.24 27.78
N ARG A 198 2.32 32.35 26.81
CA ARG A 198 3.47 31.90 26.03
C ARG A 198 4.04 32.97 25.11
N ALA A 199 3.17 33.86 24.63
CA ALA A 199 3.57 34.92 23.70
C ALA A 199 4.34 36.08 24.30
N ASN A 200 5.66 36.06 24.17
CA ASN A 200 6.49 37.13 24.72
C ASN A 200 7.64 37.49 23.80
N ASN A 201 7.51 37.11 22.53
CA ASN A 201 8.55 37.38 21.52
C ASN A 201 7.78 37.84 20.28
N CYS A 202 7.02 38.91 20.42
CA CYS A 202 6.20 39.44 19.34
C CYS A 202 6.77 40.70 18.69
N ILE A 203 6.58 40.85 17.37
CA ILE A 203 7.05 42.04 16.68
C ILE A 203 5.91 43.05 16.59
N ASN A 204 4.68 42.55 16.67
CA ASN A 204 3.50 43.41 16.58
C ASN A 204 3.05 43.94 17.95
N LEU A 205 3.73 44.98 18.42
CA LEU A 205 3.42 45.58 19.70
C LEU A 205 3.17 47.09 19.54
N ASP A 206 2.08 47.58 20.12
CA ASP A 206 1.78 49.01 20.01
C ASP A 206 2.76 49.86 20.82
N GLU A 207 2.45 51.15 20.91
CA GLU A 207 3.27 52.12 21.64
C GLU A 207 3.47 51.66 23.08
N LYS A 208 2.40 51.15 23.68
CA LYS A 208 2.41 50.64 25.04
C LYS A 208 3.22 49.35 25.11
N GLY A 209 3.61 48.86 23.94
CA GLY A 209 4.37 47.62 23.87
C GLY A 209 3.48 46.39 23.95
N ASN A 210 2.17 46.59 23.80
CA ASN A 210 1.21 45.48 23.86
C ASN A 210 0.94 44.85 22.50
N VAL A 211 0.42 43.64 22.53
CA VAL A 211 0.09 42.91 21.31
C VAL A 211 -0.94 43.71 20.54
N THR A 212 -0.73 43.86 19.24
CA THR A 212 -1.67 44.59 18.40
C THR A 212 -1.82 43.96 17.02
N THR A 213 -3.06 43.80 16.58
CA THR A 213 -3.31 43.23 15.26
C THR A 213 -3.42 44.38 14.27
N ARG A 214 -2.82 45.50 14.63
CA ARG A 214 -2.83 46.70 13.79
C ARG A 214 -1.47 46.84 13.13
N GLY A 215 -1.47 47.15 11.83
CA GLY A 215 -0.22 47.32 11.12
C GLY A 215 0.27 46.02 10.49
N LYS A 216 -0.67 45.19 10.05
CA LYS A 216 -0.36 43.91 9.44
C LYS A 216 0.56 43.99 8.23
N TRP A 217 0.59 45.13 7.55
CA TRP A 217 1.45 45.27 6.39
C TRP A 217 2.89 45.52 6.79
N THR A 218 3.08 46.13 7.96
CA THR A 218 4.43 46.39 8.46
C THR A 218 5.03 45.07 8.90
N HIS A 219 4.18 44.21 9.44
CA HIS A 219 4.58 42.89 9.89
C HIS A 219 5.09 42.10 8.67
N LEU A 220 4.30 42.14 7.60
CA LEU A 220 4.64 41.48 6.34
C LEU A 220 6.02 41.96 5.88
N GLN A 221 6.26 43.27 5.97
CA GLN A 221 7.53 43.84 5.55
C GLN A 221 8.68 43.37 6.44
N ARG A 222 8.41 43.19 7.73
CA ARG A 222 9.44 42.75 8.67
C ARG A 222 9.83 41.31 8.36
N ILE A 223 8.83 40.45 8.21
CA ILE A 223 9.06 39.05 7.91
C ILE A 223 9.93 38.95 6.66
N ARG A 224 9.58 39.71 5.63
CA ARG A 224 10.38 39.67 4.41
C ARG A 224 11.80 40.09 4.70
N ARG A 225 11.98 41.12 5.52
CA ARG A 225 13.33 41.57 5.83
C ARG A 225 14.05 40.50 6.66
N ASP A 226 13.28 39.80 7.50
CA ASP A 226 13.83 38.73 8.33
C ASP A 226 14.46 37.68 7.41
N ILE A 227 13.73 37.30 6.37
CA ILE A 227 14.20 36.32 5.41
C ILE A 227 15.49 36.84 4.73
N GLN A 228 15.45 38.08 4.22
CA GLN A 228 16.62 38.67 3.58
C GLN A 228 17.81 38.69 4.55
N ASN A 229 17.59 39.21 5.76
CA ASN A 229 18.65 39.26 6.77
C ASN A 229 19.28 37.88 7.02
N PHE A 230 18.44 36.90 7.37
CA PHE A 230 18.89 35.54 7.64
C PHE A 230 19.77 34.99 6.52
N LYS A 231 19.32 35.18 5.29
CA LYS A 231 20.02 34.72 4.11
C LYS A 231 21.44 35.27 4.00
N GLU A 232 21.58 36.60 4.09
CA GLU A 232 22.90 37.22 3.96
C GLU A 232 23.80 36.95 5.17
N GLU A 233 23.21 36.88 6.35
CA GLU A 233 23.99 36.61 7.56
C GLU A 233 24.62 35.23 7.50
N ASN A 234 24.08 34.38 6.63
CA ASN A 234 24.58 33.02 6.46
C ASN A 234 25.18 32.77 5.08
N ALA A 235 25.23 33.82 4.26
CA ALA A 235 25.80 33.68 2.92
C ALA A 235 25.11 32.54 2.16
N LEU A 236 23.80 32.44 2.33
CA LEU A 236 23.01 31.42 1.67
C LEU A 236 22.44 31.95 0.36
N ASP A 237 22.16 31.02 -0.55
CA ASP A 237 21.61 31.34 -1.85
C ASP A 237 20.14 30.94 -1.87
N LYS A 238 19.80 29.93 -1.07
CA LYS A 238 18.42 29.45 -1.03
C LYS A 238 17.91 29.23 0.40
N VAL A 239 16.62 29.49 0.57
CA VAL A 239 15.97 29.35 1.86
C VAL A 239 14.55 28.82 1.60
N ILE A 240 14.03 28.07 2.56
CA ILE A 240 12.68 27.54 2.46
C ILE A 240 12.00 27.86 3.78
N VAL A 241 10.74 28.29 3.71
CA VAL A 241 10.00 28.61 4.92
C VAL A 241 8.98 27.50 5.20
N LEU A 242 8.94 27.04 6.44
CA LEU A 242 8.00 25.98 6.82
C LEU A 242 7.29 26.32 8.12
N TRP A 243 5.97 26.29 8.07
CA TRP A 243 5.16 26.58 9.24
C TRP A 243 4.96 25.34 10.11
N THR A 244 5.47 25.39 11.33
CA THR A 244 5.31 24.29 12.28
C THR A 244 4.93 24.89 13.64
N ALA A 245 4.04 25.88 13.59
CA ALA A 245 3.57 26.58 14.79
C ALA A 245 2.18 26.09 15.13
N ASN A 246 1.65 26.54 16.26
CA ASN A 246 0.32 26.11 16.69
C ASN A 246 -0.71 26.15 15.56
N THR A 247 -1.62 25.18 15.58
CA THR A 247 -2.69 25.11 14.59
C THR A 247 -3.60 26.32 14.82
N GLU A 248 -3.85 27.09 13.77
CA GLU A 248 -4.72 28.26 13.88
C GLU A 248 -6.12 27.81 13.54
N ARG A 249 -7.08 28.71 13.74
CA ARG A 249 -8.45 28.41 13.40
C ARG A 249 -8.51 28.69 11.90
N TYR A 250 -9.57 28.23 11.25
CA TYR A 250 -9.72 28.48 9.82
C TYR A 250 -10.08 29.95 9.67
N VAL A 251 -9.72 30.54 8.53
CA VAL A 251 -10.08 31.93 8.29
C VAL A 251 -11.23 31.90 7.28
N GLU A 252 -12.16 32.83 7.41
CA GLU A 252 -13.30 32.90 6.50
C GLU A 252 -12.86 33.40 5.14
N VAL A 253 -13.22 32.66 4.10
CA VAL A 253 -12.90 33.07 2.74
C VAL A 253 -14.14 33.77 2.25
N SER A 254 -13.99 35.03 1.83
CA SER A 254 -15.12 35.80 1.36
C SER A 254 -14.73 36.73 0.22
N PRO A 255 -15.68 37.05 -0.67
CA PRO A 255 -15.40 37.93 -1.82
C PRO A 255 -14.96 39.31 -1.39
N GLY A 256 -13.96 39.84 -2.09
CA GLY A 256 -13.45 41.16 -1.77
C GLY A 256 -12.50 41.21 -0.58
N VAL A 257 -12.32 40.06 0.07
CA VAL A 257 -11.43 39.98 1.22
C VAL A 257 -10.14 39.21 0.92
N ASN A 258 -10.28 37.91 0.67
CA ASN A 258 -9.13 37.07 0.38
C ASN A 258 -9.38 36.07 -0.76
N ASP A 259 -10.23 36.47 -1.70
CA ASP A 259 -10.57 35.63 -2.85
C ASP A 259 -9.64 35.84 -4.05
N THR A 260 -8.94 36.97 -4.07
CA THR A 260 -8.04 37.26 -5.18
C THR A 260 -6.72 37.83 -4.68
N MET A 261 -5.70 37.77 -5.53
CA MET A 261 -4.38 38.29 -5.22
C MET A 261 -4.53 39.75 -4.76
N GLU A 262 -5.39 40.49 -5.44
CA GLU A 262 -5.61 41.90 -5.13
C GLU A 262 -6.37 42.19 -3.84
N ASN A 263 -7.47 41.48 -3.62
CA ASN A 263 -8.27 41.67 -2.41
C ASN A 263 -7.48 41.26 -1.17
N LEU A 264 -6.68 40.22 -1.30
CA LEU A 264 -5.86 39.73 -0.20
C LEU A 264 -4.81 40.76 0.23
N LEU A 265 -3.99 41.21 -0.71
CA LEU A 265 -2.96 42.19 -0.42
C LEU A 265 -3.54 43.46 0.18
N GLN A 266 -4.74 43.81 -0.25
CA GLN A 266 -5.40 45.00 0.28
C GLN A 266 -5.88 44.75 1.70
N SER A 267 -6.58 43.63 1.90
CA SER A 267 -7.08 43.26 3.22
C SER A 267 -5.94 43.25 4.23
N ILE A 268 -4.76 42.82 3.80
CA ILE A 268 -3.58 42.79 4.64
C ILE A 268 -3.25 44.20 5.07
N LYS A 269 -3.28 45.12 4.11
CA LYS A 269 -3.00 46.52 4.38
C LYS A 269 -4.09 47.14 5.24
N ASN A 270 -5.32 46.66 5.09
CA ASN A 270 -6.45 47.17 5.88
C ASN A 270 -6.59 46.43 7.21
N ASP A 271 -5.68 45.49 7.45
CA ASP A 271 -5.72 44.72 8.69
C ASP A 271 -7.03 43.95 8.85
N HIS A 272 -7.53 43.37 7.77
CA HIS A 272 -8.77 42.62 7.85
C HIS A 272 -8.63 41.55 8.93
N GLU A 273 -9.72 41.32 9.66
CA GLU A 273 -9.70 40.34 10.74
C GLU A 273 -9.55 38.90 10.27
N GLU A 274 -9.64 38.67 8.96
CA GLU A 274 -9.50 37.31 8.43
C GLU A 274 -8.15 37.09 7.78
N ILE A 275 -7.16 37.84 8.24
CA ILE A 275 -5.79 37.73 7.78
C ILE A 275 -5.02 37.19 8.97
N ALA A 276 -4.73 35.89 8.95
CA ALA A 276 -4.03 35.26 10.07
C ALA A 276 -2.50 35.41 9.97
N PRO A 277 -1.78 35.05 11.05
CA PRO A 277 -0.32 35.17 11.03
C PRO A 277 0.28 34.32 9.89
N SER A 278 -0.29 33.14 9.65
CA SER A 278 0.19 32.26 8.60
C SER A 278 -0.04 32.92 7.24
N THR A 279 -1.13 33.66 7.12
CA THR A 279 -1.45 34.38 5.88
C THR A 279 -0.30 35.35 5.62
N ILE A 280 0.15 36.04 6.67
CA ILE A 280 1.25 37.01 6.54
C ILE A 280 2.57 36.33 6.20
N PHE A 281 2.89 35.23 6.88
CA PHE A 281 4.14 34.52 6.61
C PHE A 281 4.15 33.96 5.19
N ALA A 282 3.03 33.39 4.77
CA ALA A 282 2.91 32.83 3.44
C ALA A 282 3.08 33.93 2.41
N ALA A 283 2.34 35.02 2.58
CA ALA A 283 2.42 36.13 1.65
C ALA A 283 3.84 36.66 1.59
N ALA A 284 4.50 36.75 2.75
CA ALA A 284 5.86 37.27 2.81
C ALA A 284 6.85 36.39 2.04
N SER A 285 6.80 35.08 2.31
CA SER A 285 7.71 34.14 1.65
C SER A 285 7.48 34.14 0.14
N ILE A 286 6.21 34.14 -0.25
CA ILE A 286 5.86 34.16 -1.67
C ILE A 286 6.43 35.42 -2.31
N LEU A 287 6.24 36.56 -1.66
CA LEU A 287 6.74 37.82 -2.18
C LEU A 287 8.25 37.86 -2.24
N GLU A 288 8.90 37.03 -1.43
CA GLU A 288 10.36 36.96 -1.42
C GLU A 288 10.82 35.88 -2.39
N GLY A 289 9.87 35.13 -2.92
CA GLY A 289 10.20 34.05 -3.84
C GLY A 289 10.80 32.88 -3.09
N VAL A 290 10.33 32.66 -1.87
CA VAL A 290 10.82 31.58 -1.03
C VAL A 290 9.75 30.51 -0.86
N PRO A 291 10.10 29.24 -1.08
CA PRO A 291 9.08 28.19 -0.91
C PRO A 291 8.49 28.24 0.49
N TYR A 292 7.16 28.11 0.58
CA TYR A 292 6.47 28.14 1.86
C TYR A 292 5.64 26.88 2.03
N ILE A 293 5.93 26.12 3.10
CA ILE A 293 5.26 24.86 3.37
C ILE A 293 4.42 24.93 4.62
N ASN A 294 3.14 24.62 4.51
CA ASN A 294 2.26 24.65 5.67
C ASN A 294 2.15 23.29 6.36
N GLY A 295 2.74 23.16 7.54
CA GLY A 295 2.69 21.89 8.26
C GLY A 295 1.51 21.73 9.20
N SER A 296 0.60 22.70 9.20
CA SER A 296 -0.58 22.65 10.06
C SER A 296 -1.85 22.56 9.23
N PRO A 297 -2.98 22.21 9.86
CA PRO A 297 -4.28 22.07 9.19
C PRO A 297 -5.09 23.30 8.83
N GLN A 298 -4.75 24.49 9.33
CA GLN A 298 -5.55 25.66 8.98
C GLN A 298 -5.46 25.93 7.47
N ASN A 299 -6.49 26.57 6.93
CA ASN A 299 -6.56 26.90 5.51
C ASN A 299 -5.81 28.16 5.17
N THR A 300 -4.49 28.15 5.35
CA THR A 300 -3.65 29.31 5.07
C THR A 300 -3.71 29.73 3.60
N PHE A 301 -3.85 28.76 2.71
CA PHE A 301 -3.87 29.07 1.29
C PHE A 301 -5.24 29.34 0.71
N VAL A 302 -5.77 30.51 1.04
CA VAL A 302 -7.06 30.93 0.55
C VAL A 302 -6.81 31.29 -0.93
N PRO A 303 -7.88 31.34 -1.75
CA PRO A 303 -7.76 31.67 -3.18
C PRO A 303 -6.81 32.82 -3.54
N GLY A 304 -6.89 33.91 -2.80
CA GLY A 304 -6.05 35.05 -3.07
C GLY A 304 -4.56 34.78 -2.93
N LEU A 305 -4.19 33.89 -2.01
CA LEU A 305 -2.79 33.56 -1.80
C LEU A 305 -2.27 32.66 -2.91
N VAL A 306 -3.03 31.61 -3.22
CA VAL A 306 -2.66 30.68 -4.29
C VAL A 306 -2.45 31.50 -5.55
N GLN A 307 -3.36 32.45 -5.75
CA GLN A 307 -3.31 33.34 -6.89
C GLN A 307 -2.00 34.14 -6.85
N LEU A 308 -1.61 34.59 -5.67
CA LEU A 308 -0.36 35.35 -5.53
C LEU A 308 0.85 34.46 -5.84
N ALA A 309 0.77 33.19 -5.45
CA ALA A 309 1.86 32.25 -5.69
C ALA A 309 1.98 31.99 -7.19
N GLU A 310 0.85 31.81 -7.84
CA GLU A 310 0.85 31.56 -9.29
C GLU A 310 1.44 32.75 -10.02
N HIS A 311 1.05 33.94 -9.59
CA HIS A 311 1.53 35.17 -10.20
C HIS A 311 3.02 35.37 -9.98
N GLU A 312 3.49 35.06 -8.78
CA GLU A 312 4.90 35.21 -8.45
C GLU A 312 5.72 34.00 -8.92
N GLY A 313 5.04 32.87 -9.11
CA GLY A 313 5.72 31.67 -9.55
C GLY A 313 6.57 31.12 -8.42
N THR A 314 5.96 31.07 -7.23
CA THR A 314 6.65 30.59 -6.04
C THR A 314 5.97 29.34 -5.49
N PHE A 315 6.79 28.37 -5.12
CA PHE A 315 6.29 27.12 -4.58
C PHE A 315 5.58 27.28 -3.26
N ILE A 316 4.41 26.68 -3.14
CA ILE A 316 3.66 26.69 -1.90
C ILE A 316 3.25 25.24 -1.77
N ALA A 317 2.85 24.82 -0.59
CA ALA A 317 2.47 23.43 -0.41
C ALA A 317 2.08 23.15 1.01
N GLY A 318 1.44 22.01 1.22
CA GLY A 318 1.09 21.63 2.56
C GLY A 318 -0.32 21.27 2.98
N ASP A 319 -0.54 21.64 4.24
CA ASP A 319 -1.76 21.45 5.00
C ASP A 319 -1.71 20.20 5.85
N ASP A 320 -1.06 20.38 7.00
CA ASP A 320 -0.91 19.37 8.04
C ASP A 320 -0.01 18.20 7.72
N LEU A 321 0.87 17.85 8.66
CA LEU A 321 1.77 16.73 8.49
C LEU A 321 1.01 15.42 8.67
N LYS A 322 1.20 14.48 7.74
CA LYS A 322 0.55 13.18 7.83
C LYS A 322 1.65 12.28 8.42
N SER A 323 1.65 12.12 9.74
CA SER A 323 2.71 11.35 10.36
C SER A 323 2.42 10.01 11.04
N GLY A 324 1.32 9.92 11.78
CA GLY A 324 1.03 8.68 12.47
C GLY A 324 -0.27 8.00 12.15
N GLN A 325 -1.26 8.20 13.03
CA GLN A 325 -2.58 7.61 12.88
C GLN A 325 -3.17 7.79 11.46
N THR A 326 -3.03 9.00 10.91
CA THR A 326 -3.58 9.28 9.58
C THR A 326 -2.75 8.65 8.47
N LYS A 327 -1.45 8.52 8.70
CA LYS A 327 -0.59 7.94 7.69
C LYS A 327 -0.99 6.48 7.54
N LEU A 328 -1.06 5.78 8.67
CA LEU A 328 -1.44 4.37 8.68
C LEU A 328 -2.89 4.18 8.17
N LYS A 329 -3.77 5.13 8.45
CA LYS A 329 -5.15 5.02 7.99
C LYS A 329 -5.22 5.12 6.47
N SER A 330 -4.32 5.91 5.87
CA SER A 330 -4.29 6.08 4.43
C SER A 330 -3.68 4.84 3.75
N VAL A 331 -3.29 3.88 4.56
CA VAL A 331 -2.71 2.64 4.06
C VAL A 331 -3.71 1.52 4.30
N LEU A 332 -4.24 1.48 5.52
CA LEU A 332 -5.18 0.46 5.91
C LEU A 332 -6.55 0.55 5.23
N ALA A 333 -7.14 1.74 5.17
CA ALA A 333 -8.46 1.91 4.53
C ALA A 333 -8.36 1.64 3.02
N GLN A 334 -7.25 2.03 2.42
CA GLN A 334 -7.00 1.80 1.01
C GLN A 334 -6.96 0.29 0.80
N PHE A 335 -6.12 -0.37 1.58
CA PHE A 335 -5.96 -1.80 1.53
C PHE A 335 -7.32 -2.53 1.56
N LEU A 336 -8.16 -2.19 2.54
CA LEU A 336 -9.46 -2.83 2.67
C LEU A 336 -10.34 -2.66 1.45
N VAL A 337 -10.42 -1.45 0.92
CA VAL A 337 -11.27 -1.20 -0.24
C VAL A 337 -10.70 -1.84 -1.52
N ASP A 338 -9.37 -1.91 -1.62
CA ASP A 338 -8.72 -2.52 -2.77
C ASP A 338 -9.01 -4.01 -2.78
N ALA A 339 -9.27 -4.56 -1.60
CA ALA A 339 -9.54 -5.98 -1.42
C ALA A 339 -11.03 -6.30 -1.56
N GLY A 340 -11.84 -5.27 -1.84
CA GLY A 340 -13.26 -5.49 -1.97
C GLY A 340 -14.00 -5.54 -0.64
N ILE A 341 -13.32 -5.16 0.43
CA ILE A 341 -13.93 -5.15 1.77
C ILE A 341 -14.49 -3.76 2.00
N LYS A 342 -15.63 -3.69 2.68
CA LYS A 342 -16.30 -2.42 2.88
C LYS A 342 -16.28 -1.79 4.28
N PRO A 343 -15.35 -0.87 4.54
CA PRO A 343 -15.32 -0.25 5.86
C PRO A 343 -16.62 0.56 6.00
N VAL A 344 -17.31 0.42 7.14
CA VAL A 344 -18.55 1.15 7.36
C VAL A 344 -18.44 2.03 8.60
N SER A 345 -17.46 1.75 9.44
CA SER A 345 -17.27 2.54 10.64
C SER A 345 -15.79 2.65 10.98
N ILE A 346 -15.29 3.87 11.09
CA ILE A 346 -13.91 4.08 11.46
C ILE A 346 -13.84 5.12 12.58
N ALA A 347 -13.59 4.66 13.81
CA ALA A 347 -13.48 5.53 14.98
C ALA A 347 -12.01 5.80 15.33
N SER A 348 -11.61 7.07 15.39
CA SER A 348 -10.22 7.40 15.71
C SER A 348 -10.10 8.31 16.93
N TYR A 349 -9.58 7.76 18.02
CA TYR A 349 -9.39 8.50 19.25
C TYR A 349 -7.92 8.82 19.42
N ASN A 350 -7.62 9.95 20.06
CA ASN A 350 -6.25 10.38 20.28
C ASN A 350 -6.11 11.22 21.54
N HIS A 351 -5.02 11.03 22.27
CA HIS A 351 -4.76 11.85 23.43
C HIS A 351 -3.25 12.04 23.57
N LEU A 352 -2.87 13.28 23.85
CA LEU A 352 -1.47 13.65 24.01
C LEU A 352 -1.39 14.74 25.07
N GLY A 353 -0.20 14.91 25.65
CA GLY A 353 -0.05 15.90 26.68
C GLY A 353 0.99 16.96 26.42
N ASN A 354 1.26 17.27 25.15
CA ASN A 354 2.24 18.30 24.82
C ASN A 354 1.52 19.61 24.52
N ASN A 355 2.26 20.63 24.09
CA ASN A 355 1.66 21.93 23.78
C ASN A 355 0.75 21.84 22.56
N ASP A 356 1.05 20.89 21.66
CA ASP A 356 0.25 20.69 20.47
C ASP A 356 -1.16 20.31 20.92
N GLY A 357 -1.25 19.36 21.86
CA GLY A 357 -2.54 18.93 22.36
C GLY A 357 -3.21 19.94 23.27
N TYR A 358 -2.41 20.77 23.93
CA TYR A 358 -2.94 21.79 24.83
C TYR A 358 -3.70 22.85 24.02
N ASN A 359 -3.13 23.23 22.88
CA ASN A 359 -3.73 24.21 22.00
C ASN A 359 -4.94 23.60 21.28
N LEU A 360 -4.80 22.35 20.86
CA LEU A 360 -5.87 21.63 20.17
C LEU A 360 -7.01 21.27 21.10
N SER A 361 -6.84 21.56 22.39
CA SER A 361 -7.87 21.27 23.38
C SER A 361 -9.03 22.25 23.19
N ALA A 362 -8.77 23.32 22.43
CA ALA A 362 -9.81 24.31 22.15
C ALA A 362 -10.45 23.93 20.81
N PRO A 363 -11.79 23.92 20.76
CA PRO A 363 -12.61 23.58 19.59
C PRO A 363 -12.25 24.20 18.23
N LYS A 364 -11.96 25.50 18.21
CA LYS A 364 -11.61 26.16 16.94
C LYS A 364 -10.33 25.63 16.30
N GLN A 365 -9.39 25.21 17.14
CA GLN A 365 -8.12 24.65 16.67
C GLN A 365 -8.33 23.18 16.34
N PHE A 366 -9.07 22.48 17.20
CA PHE A 366 -9.36 21.07 17.01
C PHE A 366 -10.14 20.81 15.72
N ARG A 367 -11.06 21.72 15.39
CA ARG A 367 -11.87 21.55 14.18
C ARG A 367 -11.01 21.53 12.91
N SER A 368 -9.93 22.32 12.92
CA SER A 368 -9.01 22.38 11.78
C SER A 368 -8.40 21.00 11.60
N LYS A 369 -7.86 20.49 12.69
CA LYS A 369 -7.22 19.19 12.71
C LYS A 369 -8.24 18.10 12.37
N GLU A 370 -9.40 18.17 13.00
CA GLU A 370 -10.46 17.20 12.79
C GLU A 370 -10.84 17.03 11.31
N ILE A 371 -10.87 18.15 10.59
CA ILE A 371 -11.21 18.12 9.16
C ILE A 371 -10.14 17.41 8.31
N SER A 372 -8.87 17.75 8.53
CA SER A 372 -7.77 17.15 7.78
C SER A 372 -7.55 15.67 8.09
N LYS A 373 -7.85 15.27 9.32
CA LYS A 373 -7.67 13.89 9.75
C LYS A 373 -8.82 12.98 9.28
N SER A 374 -9.87 13.57 8.74
CA SER A 374 -11.01 12.80 8.26
C SER A 374 -10.98 12.66 6.74
N SER A 375 -10.76 13.79 6.07
CA SER A 375 -10.71 13.86 4.60
C SER A 375 -9.98 12.73 3.90
N VAL A 376 -8.95 12.22 4.56
CA VAL A 376 -8.10 11.16 4.01
C VAL A 376 -8.77 9.92 3.38
N ILE A 377 -10.01 9.61 3.76
CA ILE A 377 -10.68 8.43 3.20
C ILE A 377 -11.78 8.74 2.20
N ASP A 378 -12.05 10.02 1.95
CA ASP A 378 -13.09 10.40 1.02
C ASP A 378 -12.88 9.91 -0.41
N ASP A 379 -11.66 10.05 -0.91
CA ASP A 379 -11.36 9.63 -2.27
C ASP A 379 -11.48 8.11 -2.39
N ILE A 380 -11.15 7.42 -1.31
CA ILE A 380 -11.20 5.97 -1.29
C ILE A 380 -12.63 5.48 -1.46
N ILE A 381 -13.54 6.06 -0.68
CA ILE A 381 -14.94 5.69 -0.77
C ILE A 381 -15.46 5.96 -2.19
N ALA A 382 -15.09 7.13 -2.72
CA ALA A 382 -15.53 7.54 -4.04
C ALA A 382 -15.05 6.64 -5.18
N SER A 383 -13.89 6.01 -5.01
CA SER A 383 -13.33 5.16 -6.05
C SER A 383 -14.05 3.83 -6.27
N ASN A 384 -14.91 3.42 -5.34
CA ASN A 384 -15.60 2.14 -5.48
C ASN A 384 -17.13 2.21 -5.29
N ASP A 385 -17.86 2.30 -6.40
CA ASP A 385 -19.32 2.38 -6.31
C ASP A 385 -19.96 0.99 -6.27
N ILE A 386 -19.13 -0.04 -6.26
CA ILE A 386 -19.64 -1.40 -6.17
C ILE A 386 -20.02 -1.58 -4.69
N LEU A 387 -19.16 -1.05 -3.83
CA LEU A 387 -19.36 -1.13 -2.39
C LEU A 387 -20.15 0.07 -1.90
N TYR A 388 -19.73 1.26 -2.32
CA TYR A 388 -20.42 2.48 -1.90
C TYR A 388 -21.31 3.06 -2.98
N ASN A 389 -22.61 2.90 -2.79
CA ASN A 389 -23.61 3.39 -3.73
C ASN A 389 -24.92 3.62 -2.99
N ASP A 390 -25.90 4.20 -3.70
CA ASP A 390 -27.21 4.49 -3.12
C ASP A 390 -27.96 3.24 -2.69
N LYS A 391 -27.78 2.15 -3.39
CA LYS A 391 -28.50 0.94 -3.04
C LYS A 391 -27.95 0.27 -1.78
N LEU A 392 -26.63 0.19 -1.65
CA LEU A 392 -26.02 -0.45 -0.49
C LEU A 392 -25.64 0.54 0.60
N GLY A 393 -25.59 1.82 0.25
CA GLY A 393 -25.20 2.85 1.18
C GLY A 393 -23.84 3.31 0.73
N LYS A 394 -23.58 4.60 0.73
CA LYS A 394 -22.28 5.08 0.29
C LYS A 394 -21.55 5.85 1.37
N LYS A 395 -22.02 5.68 2.60
CA LYS A 395 -21.45 6.37 3.74
C LYS A 395 -20.61 5.46 4.65
N VAL A 396 -19.59 6.06 5.26
CA VAL A 396 -18.69 5.39 6.20
C VAL A 396 -18.65 6.27 7.45
N ASP A 397 -19.23 5.79 8.56
CA ASP A 397 -19.18 6.58 9.80
C ASP A 397 -17.72 6.74 10.20
N HIS A 398 -17.33 7.97 10.49
CA HIS A 398 -15.95 8.27 10.83
C HIS A 398 -15.93 9.39 11.88
N CYS A 399 -15.32 9.13 13.03
CA CYS A 399 -15.21 10.17 14.05
C CYS A 399 -13.74 10.28 14.44
N ILE A 400 -13.31 11.52 14.70
CA ILE A 400 -11.93 11.81 15.11
C ILE A 400 -12.04 12.51 16.45
N VAL A 401 -11.30 12.01 17.44
CA VAL A 401 -11.32 12.57 18.80
C VAL A 401 -9.90 12.85 19.26
N ILE A 402 -9.68 14.05 19.79
CA ILE A 402 -8.38 14.43 20.29
C ILE A 402 -8.53 15.02 21.70
N LYS A 403 -8.03 14.29 22.70
CA LYS A 403 -8.12 14.75 24.07
C LYS A 403 -6.75 15.08 24.63
N TYR A 404 -6.70 16.11 25.46
CA TYR A 404 -5.46 16.53 26.08
C TYR A 404 -5.28 15.77 27.38
N MET A 405 -4.20 15.00 27.49
CA MET A 405 -3.90 14.21 28.69
C MET A 405 -2.43 14.47 28.98
N LYS A 406 -2.16 15.47 29.79
CA LYS A 406 -0.80 15.86 30.11
C LYS A 406 0.21 14.75 30.46
N PRO A 407 -0.20 13.78 31.30
CA PRO A 407 0.71 12.69 31.69
C PRO A 407 1.38 11.89 30.57
N VAL A 408 0.86 11.94 29.34
CA VAL A 408 1.50 11.17 28.26
C VAL A 408 2.52 11.98 27.47
N GLY A 409 2.67 13.25 27.82
CA GLY A 409 3.63 14.11 27.15
C GLY A 409 3.55 14.10 25.63
N ASP A 410 4.72 14.04 24.99
CA ASP A 410 4.78 14.05 23.53
C ASP A 410 4.44 12.71 22.89
N SER A 411 4.24 11.70 23.71
CA SER A 411 3.91 10.35 23.23
C SER A 411 2.44 10.16 22.99
N LYS A 412 1.95 10.68 21.88
CA LYS A 412 0.55 10.57 21.52
C LYS A 412 0.13 9.10 21.47
N VAL A 413 -1.08 8.82 21.95
CA VAL A 413 -1.63 7.48 21.96
C VAL A 413 -2.80 7.53 20.99
N ALA A 414 -2.71 6.75 19.92
CA ALA A 414 -3.76 6.73 18.91
C ALA A 414 -4.48 5.40 18.96
N MET A 415 -5.80 5.45 19.14
CA MET A 415 -6.61 4.24 19.20
C MET A 415 -7.69 4.32 18.11
N ASP A 416 -7.66 3.36 17.19
CA ASP A 416 -8.64 3.32 16.09
C ASP A 416 -9.34 1.98 15.95
N GLU A 417 -10.56 2.00 15.44
CA GLU A 417 -11.27 0.77 15.18
C GLU A 417 -11.89 0.86 13.79
N TYR A 418 -11.52 -0.09 12.93
CA TYR A 418 -12.06 -0.17 11.58
C TYR A 418 -13.04 -1.32 11.59
N TYR A 419 -14.32 -1.02 11.42
CA TYR A 419 -15.34 -2.05 11.41
C TYR A 419 -15.82 -2.11 9.96
N SER A 420 -15.66 -3.26 9.32
CA SER A 420 -16.03 -3.42 7.92
C SER A 420 -16.98 -4.59 7.67
N GLU A 421 -17.60 -4.59 6.50
CA GLU A 421 -18.50 -5.66 6.12
C GLU A 421 -17.84 -6.65 5.18
N LEU A 422 -18.16 -7.91 5.38
CA LEU A 422 -17.66 -8.99 4.56
C LEU A 422 -18.92 -9.58 3.93
N MET A 423 -18.76 -10.58 3.08
CA MET A 423 -19.92 -11.18 2.44
C MET A 423 -20.84 -11.90 3.42
N LEU A 424 -22.09 -12.07 2.98
CA LEU A 424 -23.12 -12.78 3.70
C LEU A 424 -23.32 -12.46 5.20
N GLY A 425 -23.29 -11.17 5.54
CA GLY A 425 -23.51 -10.78 6.91
C GLY A 425 -22.29 -10.67 7.80
N GLY A 426 -21.14 -11.13 7.32
CA GLY A 426 -19.94 -11.07 8.14
C GLY A 426 -19.42 -9.67 8.35
N HIS A 427 -18.43 -9.55 9.22
CA HIS A 427 -17.80 -8.27 9.52
C HIS A 427 -16.37 -8.54 9.89
N ASN A 428 -15.55 -7.50 9.82
CA ASN A 428 -14.15 -7.57 10.20
C ASN A 428 -13.94 -6.41 11.14
N ARG A 429 -13.32 -6.66 12.29
CA ARG A 429 -13.07 -5.61 13.25
C ARG A 429 -11.59 -5.51 13.55
N ILE A 430 -10.97 -4.40 13.14
CA ILE A 430 -9.54 -4.20 13.39
C ILE A 430 -9.35 -3.07 14.41
N SER A 431 -8.86 -3.43 15.60
CA SER A 431 -8.61 -2.48 16.68
C SER A 431 -7.13 -2.17 16.68
N ILE A 432 -6.79 -0.90 16.89
CA ILE A 432 -5.38 -0.49 16.92
C ILE A 432 -5.04 0.42 18.08
N HIS A 433 -3.81 0.27 18.57
CA HIS A 433 -3.27 1.08 19.66
C HIS A 433 -1.88 1.44 19.13
N ASN A 434 -1.71 2.71 18.79
CA ASN A 434 -0.48 3.22 18.23
C ASN A 434 0.16 4.24 19.16
N VAL A 435 1.34 3.93 19.67
CA VAL A 435 2.05 4.84 20.58
C VAL A 435 3.37 5.25 19.95
N CYS A 436 3.77 6.50 20.14
CA CYS A 436 5.07 6.95 19.63
C CYS A 436 5.35 8.41 19.96
N GLU A 437 6.63 8.76 19.97
CA GLU A 437 7.01 10.13 20.22
C GLU A 437 6.63 10.89 18.95
N ASP A 438 5.49 11.57 19.04
CA ASP A 438 4.94 12.35 17.95
C ASP A 438 5.95 13.23 17.24
N SER A 439 6.87 13.84 17.99
CA SER A 439 7.86 14.72 17.37
C SER A 439 8.95 13.97 16.65
N LEU A 440 9.24 12.76 17.11
CA LEU A 440 10.28 11.95 16.47
C LEU A 440 9.78 11.41 15.15
N LEU A 441 8.45 11.39 15.01
CA LEU A 441 7.80 10.94 13.79
C LEU A 441 7.69 12.12 12.83
N ALA A 442 7.17 13.23 13.33
CA ALA A 442 6.98 14.44 12.54
C ALA A 442 8.26 15.08 12.03
N THR A 443 9.26 15.21 12.89
CA THR A 443 10.52 15.83 12.51
C THR A 443 11.11 15.32 11.18
N PRO A 444 11.28 13.99 11.02
CA PRO A 444 11.84 13.52 9.75
C PRO A 444 10.95 13.82 8.55
N LEU A 445 9.65 13.98 8.79
CA LEU A 445 8.74 14.29 7.69
C LEU A 445 8.97 15.75 7.29
N ILE A 446 9.23 16.61 8.28
CA ILE A 446 9.51 18.01 7.99
C ILE A 446 10.80 18.07 7.15
N ILE A 447 11.76 17.22 7.52
CA ILE A 447 13.04 17.13 6.80
C ILE A 447 12.81 16.68 5.35
N ASP A 448 11.91 15.72 5.17
CA ASP A 448 11.59 15.22 3.85
C ASP A 448 10.98 16.32 2.98
N LEU A 449 10.01 17.04 3.53
CA LEU A 449 9.36 18.14 2.82
C LEU A 449 10.35 19.19 2.32
N LEU A 450 11.33 19.52 3.15
CA LEU A 450 12.33 20.51 2.79
C LEU A 450 13.28 19.97 1.73
N VAL A 451 13.72 18.73 1.91
CA VAL A 451 14.62 18.09 0.96
C VAL A 451 13.96 17.97 -0.41
N MET A 452 12.72 17.53 -0.45
CA MET A 452 12.01 17.40 -1.73
C MET A 452 11.62 18.73 -2.35
N THR A 453 11.31 19.72 -1.52
CA THR A 453 10.95 21.02 -2.05
C THR A 453 12.16 21.64 -2.71
N GLU A 454 13.31 21.53 -2.06
CA GLU A 454 14.54 22.06 -2.61
C GLU A 454 14.86 21.33 -3.93
N PHE A 455 14.71 20.01 -3.93
CA PHE A 455 14.98 19.26 -5.15
C PHE A 455 14.08 19.80 -6.28
N CYS A 456 12.80 20.00 -5.97
CA CYS A 456 11.85 20.51 -6.95
C CYS A 456 12.20 21.89 -7.51
N THR A 457 12.84 22.73 -6.71
CA THR A 457 13.19 24.06 -7.19
C THR A 457 14.26 24.01 -8.29
N ARG A 458 14.96 22.89 -8.38
CA ARG A 458 16.01 22.71 -9.38
C ARG A 458 15.54 21.92 -10.62
N VAL A 459 14.22 21.74 -10.72
CA VAL A 459 13.62 21.02 -11.84
C VAL A 459 12.79 21.95 -12.73
N SER A 460 12.95 21.78 -14.04
CA SER A 460 12.17 22.55 -15.02
C SER A 460 11.91 21.61 -16.17
N TYR A 461 11.02 21.99 -17.08
CA TYR A 461 10.67 21.12 -18.20
C TYR A 461 10.04 21.91 -19.32
N LYS A 462 9.77 21.24 -20.43
CA LYS A 462 9.11 21.88 -21.55
C LYS A 462 8.45 20.80 -22.40
N LYS A 463 7.25 21.10 -22.90
CA LYS A 463 6.55 20.15 -23.75
C LYS A 463 7.37 19.98 -25.02
N VAL A 464 7.35 18.78 -25.58
CA VAL A 464 8.08 18.51 -26.80
C VAL A 464 7.09 18.34 -27.94
N ASP A 465 7.26 19.13 -28.99
CA ASP A 465 6.40 19.06 -30.16
C ASP A 465 6.98 17.96 -31.03
N PRO A 466 6.19 16.90 -31.30
CA PRO A 466 6.66 15.80 -32.13
C PRO A 466 7.12 16.24 -33.51
N VAL A 467 6.32 17.06 -34.16
CA VAL A 467 6.62 17.54 -35.50
C VAL A 467 7.38 18.87 -35.55
N LYS A 468 8.00 19.24 -34.43
CA LYS A 468 8.77 20.49 -34.36
C LYS A 468 9.81 20.43 -33.25
N GLU A 469 11.06 20.24 -33.65
CA GLU A 469 12.18 20.13 -32.73
C GLU A 469 12.51 21.45 -32.03
N ASP A 470 12.87 21.36 -30.75
CA ASP A 470 13.23 22.51 -29.92
C ASP A 470 12.18 23.61 -29.81
N ALA A 471 10.92 23.20 -29.66
CA ALA A 471 9.83 24.15 -29.51
C ALA A 471 9.66 24.36 -28.00
N GLY A 472 9.02 25.46 -27.61
CA GLY A 472 8.80 25.71 -26.19
C GLY A 472 10.04 26.00 -25.35
N LYS A 473 9.82 26.67 -24.22
CA LYS A 473 10.90 27.02 -23.29
C LYS A 473 10.59 26.38 -21.94
N PHE A 474 11.63 26.12 -21.17
CA PHE A 474 11.45 25.49 -19.87
C PHE A 474 10.59 26.27 -18.90
N GLU A 475 9.79 25.52 -18.16
CA GLU A 475 8.90 26.09 -17.15
C GLU A 475 9.23 25.38 -15.84
N ASN A 476 8.65 25.89 -14.75
CA ASN A 476 8.87 25.27 -13.46
C ASN A 476 7.57 24.60 -13.06
N PHE A 477 7.63 23.76 -12.04
CA PHE A 477 6.45 23.06 -11.56
C PHE A 477 5.31 24.04 -11.34
N TYR A 478 4.08 23.58 -11.52
CA TYR A 478 2.96 24.45 -11.25
C TYR A 478 3.14 24.75 -9.75
N PRO A 479 3.04 26.05 -9.36
CA PRO A 479 3.20 26.53 -7.97
C PRO A 479 2.85 25.57 -6.81
N VAL A 480 1.65 25.00 -6.82
CA VAL A 480 1.26 24.06 -5.77
C VAL A 480 1.96 22.73 -5.99
N LEU A 481 2.95 22.44 -5.15
CA LEU A 481 3.73 21.21 -5.26
C LEU A 481 3.00 19.98 -4.70
N THR A 482 2.09 19.42 -5.49
CA THR A 482 1.32 18.25 -5.03
C THR A 482 2.19 17.00 -4.86
N PHE A 483 3.39 17.01 -5.42
CA PHE A 483 4.32 15.89 -5.30
C PHE A 483 4.67 15.61 -3.82
N LEU A 484 4.40 16.58 -2.95
CA LEU A 484 4.70 16.46 -1.52
C LEU A 484 3.52 15.91 -0.72
N SER A 485 2.44 15.57 -1.42
CA SER A 485 1.24 15.04 -0.79
C SER A 485 1.50 13.89 0.16
N TYR A 486 2.55 13.12 -0.11
CA TYR A 486 2.91 11.97 0.72
C TYR A 486 3.06 12.36 2.20
N TRP A 487 3.54 13.56 2.43
CA TRP A 487 3.76 14.05 3.80
C TRP A 487 2.67 14.92 4.41
N LEU A 488 1.54 15.04 3.73
CA LEU A 488 0.46 15.89 4.23
C LEU A 488 -0.90 15.20 4.34
N LYS A 489 -1.70 15.62 5.33
CA LYS A 489 -3.04 15.05 5.57
C LYS A 489 -4.05 15.50 4.54
N ALA A 490 -4.13 16.81 4.34
CA ALA A 490 -5.08 17.36 3.39
C ALA A 490 -4.29 17.96 2.24
N PRO A 491 -3.91 17.13 1.26
CA PRO A 491 -3.14 17.58 0.09
C PRO A 491 -3.77 18.77 -0.61
N LEU A 492 -3.01 19.87 -0.68
CA LEU A 492 -3.47 21.08 -1.35
C LEU A 492 -3.44 20.72 -2.83
N THR A 493 -4.50 21.02 -3.56
CA THR A 493 -4.50 20.67 -4.97
C THR A 493 -4.68 21.86 -5.87
N ARG A 494 -4.53 21.63 -7.17
CA ARG A 494 -4.70 22.65 -8.19
C ARG A 494 -6.20 22.85 -8.35
N PRO A 495 -6.65 24.11 -8.51
CA PRO A 495 -8.07 24.37 -8.68
C PRO A 495 -8.73 23.52 -9.77
N GLY A 496 -9.70 22.71 -9.36
CA GLY A 496 -10.40 21.84 -10.29
C GLY A 496 -10.11 20.37 -10.00
N PHE A 497 -8.88 20.09 -9.57
CA PHE A 497 -8.47 18.73 -9.29
C PHE A 497 -8.76 18.30 -7.86
N HIS A 498 -9.09 17.02 -7.70
CA HIS A 498 -9.38 16.44 -6.41
C HIS A 498 -8.11 15.77 -5.87
N PRO A 499 -7.90 15.83 -4.55
CA PRO A 499 -6.71 15.21 -3.98
C PRO A 499 -6.80 13.69 -3.89
N VAL A 500 -5.64 13.05 -3.86
CA VAL A 500 -5.54 11.59 -3.74
C VAL A 500 -4.72 11.38 -2.49
N ASN A 501 -5.25 10.64 -1.53
CA ASN A 501 -4.55 10.43 -0.28
C ASN A 501 -3.88 9.08 -0.11
N GLY A 502 -4.07 8.19 -1.07
CA GLY A 502 -3.45 6.87 -0.96
C GLY A 502 -1.96 7.04 -0.77
N LEU A 503 -1.47 6.71 0.41
CA LEU A 503 -0.05 6.85 0.73
C LEU A 503 0.86 6.16 -0.29
N ASN A 504 0.64 4.86 -0.51
CA ASN A 504 1.45 4.10 -1.45
C ASN A 504 1.45 4.72 -2.85
N LYS A 505 0.31 5.27 -3.27
CA LYS A 505 0.21 5.91 -4.58
C LYS A 505 0.97 7.22 -4.60
N GLN A 506 0.99 7.92 -3.47
CA GLN A 506 1.70 9.19 -3.35
C GLN A 506 3.19 8.95 -3.43
N ARG A 507 3.65 7.86 -2.82
CA ARG A 507 5.08 7.56 -2.86
C ARG A 507 5.48 7.12 -4.26
N THR A 508 4.61 6.35 -4.91
CA THR A 508 4.88 5.86 -6.26
C THR A 508 5.11 7.02 -7.21
N ALA A 509 4.33 8.10 -7.06
CA ALA A 509 4.47 9.28 -7.91
C ALA A 509 5.88 9.84 -7.77
N LEU A 510 6.35 9.93 -6.52
CA LEU A 510 7.69 10.44 -6.24
C LEU A 510 8.74 9.52 -6.82
N GLU A 511 8.52 8.22 -6.69
CA GLU A 511 9.43 7.20 -7.19
C GLU A 511 9.59 7.27 -8.72
N ASN A 512 8.47 7.20 -9.44
CA ASN A 512 8.47 7.25 -10.89
C ASN A 512 9.05 8.56 -11.40
N PHE A 513 8.90 9.62 -10.61
CA PHE A 513 9.44 10.92 -11.01
C PHE A 513 10.95 10.82 -11.02
N LEU A 514 11.52 10.39 -9.90
CA LEU A 514 12.97 10.26 -9.83
C LEU A 514 13.45 9.26 -10.89
N ARG A 515 12.71 8.18 -11.06
CA ARG A 515 13.06 7.16 -12.05
C ARG A 515 13.12 7.72 -13.47
N LEU A 516 12.14 8.54 -13.84
CA LEU A 516 12.11 9.10 -15.17
C LEU A 516 13.20 10.12 -15.46
N LEU A 517 13.66 10.82 -14.42
CA LEU A 517 14.72 11.79 -14.62
C LEU A 517 16.02 11.12 -14.99
N ILE A 518 16.22 9.88 -14.55
CA ILE A 518 17.44 9.15 -14.91
C ILE A 518 17.17 8.16 -16.05
N GLY A 519 16.06 8.37 -16.75
CA GLY A 519 15.73 7.54 -17.90
C GLY A 519 15.08 6.18 -17.72
N LEU A 520 14.45 5.94 -16.57
CA LEU A 520 13.80 4.65 -16.32
C LEU A 520 12.28 4.75 -16.38
N PRO A 521 11.62 3.67 -16.85
CA PRO A 521 10.16 3.68 -16.94
C PRO A 521 9.56 3.46 -15.56
N SER A 522 8.27 3.68 -15.42
CA SER A 522 7.61 3.49 -14.13
C SER A 522 7.59 2.01 -13.77
N GLN A 523 7.49 1.72 -12.47
CA GLN A 523 7.44 0.34 -11.99
C GLN A 523 6.17 -0.34 -12.48
N ASN A 524 6.32 -1.52 -13.07
CA ASN A 524 5.14 -2.25 -13.54
C ASN A 524 4.85 -3.51 -12.73
N GLU A 525 5.89 -4.08 -12.12
CA GLU A 525 5.74 -5.29 -11.30
C GLU A 525 5.28 -6.51 -12.09
N LEU A 526 5.50 -6.50 -13.40
CA LEU A 526 5.08 -7.62 -14.24
C LEU A 526 6.04 -8.81 -14.19
N ARG A 527 7.34 -8.54 -13.99
CA ARG A 527 8.35 -9.58 -13.91
C ARG A 527 8.19 -10.70 -14.92
N PHE A 528 8.08 -10.35 -16.21
CA PHE A 528 7.93 -11.34 -17.27
C PHE A 528 9.17 -12.21 -17.42
N GLU A 529 10.25 -11.84 -16.75
CA GLU A 529 11.47 -12.63 -16.81
C GLU A 529 11.18 -13.91 -16.04
N GLU A 530 10.15 -13.87 -15.21
CA GLU A 530 9.75 -15.00 -14.38
C GLU A 530 8.43 -15.63 -14.84
N ARG A 531 7.39 -14.80 -15.02
CA ARG A 531 6.07 -15.29 -15.41
C ARG A 531 6.01 -15.89 -16.82
N LEU A 532 6.91 -15.49 -17.70
CA LEU A 532 6.88 -16.00 -19.05
C LEU A 532 8.10 -16.86 -19.36
N LEU A 533 7.89 -17.92 -20.13
CA LEU A 533 8.96 -18.84 -20.51
C LEU A 533 10.06 -18.06 -21.21
N THR B 10 -21.80 -2.98 -17.84
CA THR B 10 -20.49 -2.30 -17.60
C THR B 10 -19.37 -2.96 -18.41
N SER B 11 -18.75 -2.19 -19.29
CA SER B 11 -17.67 -2.69 -20.16
C SER B 11 -16.66 -1.59 -20.49
N VAL B 12 -15.50 -1.98 -20.99
CA VAL B 12 -14.45 -1.03 -21.31
C VAL B 12 -14.04 -1.11 -22.78
N LYS B 13 -13.90 0.05 -23.41
CA LYS B 13 -13.51 0.15 -24.82
C LYS B 13 -12.35 1.11 -25.01
N VAL B 14 -11.15 0.58 -25.20
CA VAL B 14 -9.98 1.42 -25.39
C VAL B 14 -9.65 1.68 -26.86
N VAL B 15 -9.52 2.95 -27.21
CA VAL B 15 -9.17 3.37 -28.58
C VAL B 15 -7.65 3.28 -28.69
N THR B 16 -7.15 2.19 -29.25
CA THR B 16 -5.70 1.99 -29.38
C THR B 16 -5.36 1.13 -30.58
N ASP B 17 -4.17 1.34 -31.14
CA ASP B 17 -3.75 0.57 -32.29
C ASP B 17 -2.87 -0.59 -31.86
N LYS B 18 -2.84 -0.88 -30.56
CA LYS B 18 -2.04 -1.99 -30.06
C LYS B 18 -2.86 -3.28 -29.98
N CYS B 19 -4.18 -3.13 -30.10
CA CYS B 19 -5.09 -4.27 -29.99
C CYS B 19 -5.94 -4.53 -31.23
N THR B 20 -5.87 -5.76 -31.72
CA THR B 20 -6.67 -6.17 -32.88
C THR B 20 -7.48 -7.43 -32.57
N TYR B 21 -8.79 -7.34 -32.80
CA TYR B 21 -9.72 -8.43 -32.55
C TYR B 21 -9.94 -9.31 -33.78
N LYS B 22 -9.88 -10.63 -33.59
CA LYS B 22 -10.06 -11.57 -34.69
C LYS B 22 -11.02 -12.74 -34.36
N ASP B 23 -12.31 -12.45 -34.24
CA ASP B 23 -13.33 -13.47 -33.94
C ASP B 23 -13.09 -14.13 -32.59
N ASN B 24 -13.49 -13.47 -31.51
CA ASN B 24 -13.30 -14.01 -30.17
C ASN B 24 -11.82 -14.13 -29.83
N GLU B 25 -10.99 -13.43 -30.61
CA GLU B 25 -9.55 -13.44 -30.43
C GLU B 25 -9.07 -12.01 -30.22
N LEU B 26 -8.14 -11.83 -29.29
CA LEU B 26 -7.59 -10.50 -29.04
C LEU B 26 -6.07 -10.58 -29.13
N LEU B 27 -5.50 -9.72 -29.98
CA LEU B 27 -4.06 -9.67 -30.16
C LEU B 27 -3.60 -8.31 -29.68
N THR B 28 -2.66 -8.29 -28.73
CA THR B 28 -2.17 -7.03 -28.19
C THR B 28 -0.66 -6.99 -28.19
N LYS B 29 -0.11 -5.89 -28.74
CA LYS B 29 1.33 -5.69 -28.79
C LYS B 29 1.76 -5.05 -27.46
N TYR B 30 2.93 -5.43 -26.95
CA TYR B 30 3.41 -4.88 -25.69
C TYR B 30 4.93 -4.94 -25.52
N SER B 31 5.54 -3.79 -25.24
CA SER B 31 6.97 -3.71 -25.02
C SER B 31 7.23 -3.71 -23.53
N TYR B 32 7.82 -4.80 -23.04
CA TYR B 32 8.10 -4.92 -21.62
C TYR B 32 9.47 -4.34 -21.29
N GLU B 33 9.45 -3.23 -20.57
CA GLU B 33 10.68 -2.56 -20.16
C GLU B 33 11.04 -2.94 -18.72
N ASN B 34 12.33 -2.94 -18.43
CA ASN B 34 12.83 -3.28 -17.12
C ASN B 34 14.27 -2.79 -17.11
N ALA B 35 15.14 -3.43 -16.32
CA ALA B 35 16.52 -3.01 -16.28
C ALA B 35 17.34 -3.98 -15.46
N VAL B 36 18.59 -4.13 -15.86
CA VAL B 36 19.49 -5.02 -15.15
C VAL B 36 20.49 -4.10 -14.45
N VAL B 37 20.76 -4.40 -13.19
CA VAL B 37 21.66 -3.58 -12.39
C VAL B 37 22.83 -4.36 -11.81
N THR B 38 23.97 -3.69 -11.71
CA THR B 38 25.17 -4.27 -11.12
C THR B 38 25.76 -3.22 -10.18
N LYS B 39 26.41 -3.64 -9.12
CA LYS B 39 26.98 -2.67 -8.18
C LYS B 39 28.49 -2.71 -8.13
N THR B 40 29.13 -1.55 -8.27
CA THR B 40 30.59 -1.44 -8.21
C THR B 40 31.00 -1.50 -6.75
N ALA B 41 32.28 -1.74 -6.50
CA ALA B 41 32.79 -1.80 -5.15
C ALA B 41 32.64 -0.41 -4.53
N SER B 42 32.95 0.61 -5.32
CA SER B 42 32.85 2.00 -4.89
C SER B 42 31.42 2.33 -4.46
N GLY B 43 30.50 1.43 -4.78
CA GLY B 43 29.10 1.62 -4.42
C GLY B 43 28.31 2.35 -5.48
N ARG B 44 28.68 2.17 -6.75
CA ARG B 44 27.95 2.84 -7.82
C ARG B 44 27.07 1.79 -8.51
N PHE B 45 25.82 2.16 -8.76
CA PHE B 45 24.88 1.26 -9.41
C PHE B 45 24.81 1.48 -10.91
N ASP B 46 25.19 0.46 -11.68
CA ASP B 46 25.14 0.57 -13.12
C ASP B 46 23.84 -0.09 -13.57
N VAL B 47 22.99 0.72 -14.20
CA VAL B 47 21.69 0.25 -14.64
C VAL B 47 21.53 0.23 -16.15
N THR B 48 21.21 -0.94 -16.69
CA THR B 48 21.02 -1.07 -18.12
C THR B 48 19.58 -1.41 -18.42
N PRO B 49 18.85 -0.47 -19.04
CA PRO B 49 17.45 -0.71 -19.37
C PRO B 49 17.35 -1.88 -20.35
N THR B 50 16.22 -2.57 -20.33
CA THR B 50 16.00 -3.71 -21.23
C THR B 50 14.57 -3.70 -21.74
N VAL B 51 14.37 -4.14 -22.97
CA VAL B 51 13.04 -4.20 -23.54
C VAL B 51 12.90 -5.49 -24.33
N GLN B 52 11.72 -6.09 -24.22
CA GLN B 52 11.41 -7.32 -24.93
C GLN B 52 10.00 -7.10 -25.40
N ASP B 53 9.79 -7.22 -26.70
CA ASP B 53 8.47 -7.01 -27.27
C ASP B 53 7.68 -8.31 -27.24
N TYR B 54 6.37 -8.18 -27.04
CA TYR B 54 5.49 -9.34 -26.96
C TYR B 54 4.19 -9.09 -27.69
N VAL B 55 3.50 -10.19 -27.98
CA VAL B 55 2.20 -10.11 -28.60
C VAL B 55 1.39 -11.08 -27.77
N PHE B 56 0.32 -10.58 -27.16
CA PHE B 56 -0.52 -11.44 -26.36
C PHE B 56 -1.81 -11.74 -27.12
N LYS B 57 -2.30 -12.95 -26.90
CA LYS B 57 -3.52 -13.41 -27.54
C LYS B 57 -4.45 -13.86 -26.42
N LEU B 58 -5.64 -13.30 -26.39
CA LEU B 58 -6.61 -13.64 -25.38
C LEU B 58 -7.86 -14.17 -26.06
N ASP B 59 -8.19 -15.41 -25.75
CA ASP B 59 -9.38 -16.04 -26.30
C ASP B 59 -10.55 -15.39 -25.57
N LEU B 60 -11.30 -14.55 -26.28
CA LEU B 60 -12.42 -13.83 -25.67
C LEU B 60 -13.64 -14.69 -25.41
N LYS B 61 -13.59 -15.94 -25.83
CA LYS B 61 -14.70 -16.87 -25.64
C LYS B 61 -14.56 -17.57 -24.30
N LYS B 62 -15.16 -16.99 -23.25
CA LYS B 62 -15.07 -17.58 -21.93
C LYS B 62 -16.18 -18.62 -21.73
N PRO B 63 -15.93 -19.64 -20.89
CA PRO B 63 -16.95 -20.67 -20.66
C PRO B 63 -18.22 -20.08 -20.05
N GLU B 64 -19.38 -20.59 -20.45
CA GLU B 64 -20.65 -20.09 -19.92
C GLU B 64 -20.89 -20.70 -18.55
N LYS B 65 -20.26 -21.84 -18.31
CA LYS B 65 -20.36 -22.54 -17.03
C LYS B 65 -18.98 -23.09 -16.73
N LEU B 66 -18.47 -22.81 -15.53
CA LEU B 66 -17.15 -23.28 -15.15
C LEU B 66 -17.21 -24.30 -14.02
N GLY B 67 -16.68 -25.48 -14.31
CA GLY B 67 -16.66 -26.53 -13.31
C GLY B 67 -15.62 -26.25 -12.27
N ILE B 68 -15.98 -26.50 -11.01
CA ILE B 68 -15.08 -26.28 -9.90
C ILE B 68 -15.10 -27.52 -9.03
N MET B 69 -13.95 -28.14 -8.85
CA MET B 69 -13.88 -29.31 -7.98
C MET B 69 -12.96 -28.99 -6.80
N LEU B 70 -13.56 -28.92 -5.61
CA LEU B 70 -12.83 -28.59 -4.40
C LEU B 70 -12.51 -29.78 -3.53
N ILE B 71 -11.24 -29.97 -3.23
CA ILE B 71 -10.83 -31.04 -2.34
C ILE B 71 -10.99 -30.39 -0.98
N GLY B 72 -11.88 -30.93 -0.16
CA GLY B 72 -12.17 -30.35 1.14
C GLY B 72 -13.49 -29.62 1.03
N LEU B 73 -14.30 -30.06 0.08
CA LEU B 73 -15.60 -29.47 -0.21
C LEU B 73 -16.55 -29.38 0.97
N GLY B 74 -16.37 -30.25 1.97
CA GLY B 74 -17.25 -30.25 3.13
C GLY B 74 -16.84 -29.40 4.33
N GLY B 75 -15.74 -28.67 4.20
CA GLY B 75 -15.26 -27.85 5.30
C GLY B 75 -15.84 -26.46 5.37
N ASN B 76 -15.17 -25.61 6.12
CA ASN B 76 -15.62 -24.23 6.28
C ASN B 76 -15.59 -23.50 4.93
N ASN B 77 -14.43 -23.51 4.28
CA ASN B 77 -14.32 -22.83 2.99
C ASN B 77 -15.22 -23.45 1.92
N GLY B 78 -15.10 -24.76 1.72
CA GLY B 78 -15.91 -25.42 0.71
C GLY B 78 -17.41 -25.17 0.80
N SER B 79 -17.97 -25.31 2.00
CA SER B 79 -19.40 -25.11 2.18
C SER B 79 -19.82 -23.66 2.04
N THR B 80 -18.95 -22.75 2.48
CA THR B 80 -19.26 -21.33 2.39
C THR B 80 -19.16 -20.91 0.93
N LEU B 81 -18.24 -21.54 0.19
CA LEU B 81 -18.06 -21.22 -1.22
C LEU B 81 -19.35 -21.56 -1.97
N VAL B 82 -19.85 -22.78 -1.76
CA VAL B 82 -21.07 -23.22 -2.42
C VAL B 82 -22.24 -22.34 -2.02
N ALA B 83 -22.34 -22.02 -0.73
CA ALA B 83 -23.44 -21.20 -0.24
C ALA B 83 -23.41 -19.81 -0.88
N SER B 84 -22.23 -19.21 -0.96
CA SER B 84 -22.12 -17.87 -1.54
C SER B 84 -22.52 -17.87 -3.02
N VAL B 85 -22.14 -18.93 -3.74
CA VAL B 85 -22.48 -19.03 -5.15
C VAL B 85 -24.00 -19.14 -5.32
N LEU B 86 -24.61 -20.04 -4.56
CA LEU B 86 -26.05 -20.23 -4.63
C LEU B 86 -26.81 -19.00 -4.14
N ALA B 87 -26.33 -18.41 -3.05
CA ALA B 87 -26.99 -17.24 -2.49
C ALA B 87 -26.99 -16.06 -3.47
N ASN B 88 -25.83 -15.76 -4.05
CA ASN B 88 -25.76 -14.66 -4.99
C ASN B 88 -26.49 -15.01 -6.29
N LYS B 89 -26.17 -16.16 -6.85
CA LYS B 89 -26.79 -16.62 -8.09
C LYS B 89 -28.32 -16.53 -8.05
N HIS B 90 -28.90 -16.95 -6.93
CA HIS B 90 -30.35 -16.95 -6.78
C HIS B 90 -30.91 -15.82 -5.95
N ASN B 91 -30.09 -14.79 -5.71
CA ASN B 91 -30.50 -13.64 -4.92
C ASN B 91 -31.24 -14.04 -3.65
N VAL B 92 -30.59 -14.86 -2.85
CA VAL B 92 -31.21 -15.33 -1.60
C VAL B 92 -31.01 -14.30 -0.50
N GLU B 93 -31.98 -13.42 -0.33
CA GLU B 93 -31.86 -12.43 0.74
C GLU B 93 -32.15 -13.17 2.02
N PHE B 94 -31.60 -12.70 3.13
CA PHE B 94 -31.78 -13.37 4.41
C PHE B 94 -32.00 -12.45 5.61
N GLN B 95 -32.67 -12.99 6.61
CA GLN B 95 -32.97 -12.24 7.82
C GLN B 95 -31.83 -12.25 8.82
N THR B 96 -31.60 -11.10 9.44
CA THR B 96 -30.57 -10.98 10.46
C THR B 96 -31.14 -10.03 11.51
N LYS B 97 -30.56 -9.99 12.70
CA LYS B 97 -31.09 -9.09 13.70
C LYS B 97 -30.92 -7.62 13.31
N GLU B 98 -30.17 -7.37 12.22
CA GLU B 98 -30.00 -6.01 11.73
C GLU B 98 -30.93 -5.81 10.55
N GLY B 99 -31.79 -6.80 10.30
CA GLY B 99 -32.72 -6.70 9.18
C GLY B 99 -32.40 -7.63 8.02
N VAL B 100 -33.14 -7.49 6.92
CA VAL B 100 -32.93 -8.32 5.74
C VAL B 100 -31.70 -7.85 5.00
N LYS B 101 -30.82 -8.78 4.64
CA LYS B 101 -29.60 -8.42 3.93
C LYS B 101 -29.56 -9.10 2.57
N GLN B 102 -28.97 -8.42 1.59
CA GLN B 102 -28.85 -8.96 0.25
C GLN B 102 -27.49 -9.61 0.12
N PRO B 103 -27.43 -10.77 -0.56
CA PRO B 103 -26.14 -11.43 -0.71
C PRO B 103 -25.21 -10.63 -1.62
N ASN B 104 -23.91 -10.78 -1.43
CA ASN B 104 -22.94 -10.07 -2.24
C ASN B 104 -21.65 -10.87 -2.16
N TYR B 105 -20.61 -10.41 -2.85
CA TYR B 105 -19.30 -11.06 -2.84
C TYR B 105 -18.25 -10.17 -2.19
N PHE B 106 -18.63 -9.44 -1.14
CA PHE B 106 -17.69 -8.55 -0.45
C PHE B 106 -16.48 -9.38 -0.03
N GLY B 107 -15.29 -8.81 -0.21
CA GLY B 107 -14.08 -9.51 0.17
C GLY B 107 -13.39 -10.07 -1.06
N SER B 108 -14.09 -10.04 -2.19
CA SER B 108 -13.55 -10.54 -3.44
C SER B 108 -12.99 -9.38 -4.26
N MET B 109 -11.74 -9.49 -4.65
CA MET B 109 -11.11 -8.44 -5.45
C MET B 109 -11.68 -8.39 -6.88
N THR B 110 -11.89 -9.55 -7.48
CA THR B 110 -12.39 -9.58 -8.86
C THR B 110 -13.83 -9.16 -8.93
N GLN B 111 -14.60 -9.38 -7.86
CA GLN B 111 -16.00 -9.03 -7.88
C GLN B 111 -16.35 -7.70 -7.25
N CYS B 112 -15.57 -7.27 -6.26
CA CYS B 112 -15.91 -6.03 -5.56
C CYS B 112 -14.87 -4.93 -5.45
N SER B 113 -13.74 -5.04 -6.15
CA SER B 113 -12.74 -3.98 -6.12
C SER B 113 -12.75 -3.33 -7.51
N THR B 114 -12.20 -2.12 -7.62
CA THR B 114 -12.19 -1.41 -8.90
C THR B 114 -10.79 -0.94 -9.26
N LEU B 115 -10.63 -0.51 -10.51
CA LEU B 115 -9.35 -0.04 -11.02
C LEU B 115 -9.52 1.30 -11.72
N LYS B 116 -8.47 2.11 -11.73
CA LYS B 116 -8.52 3.41 -12.39
C LYS B 116 -8.17 3.24 -13.86
N LEU B 117 -9.08 3.64 -14.74
CA LEU B 117 -8.86 3.54 -16.19
C LEU B 117 -8.13 4.76 -16.75
N GLY B 118 -8.33 5.90 -16.09
CA GLY B 118 -7.71 7.14 -16.50
C GLY B 118 -8.39 8.30 -15.80
N ILE B 119 -8.35 9.48 -16.41
CA ILE B 119 -8.97 10.67 -15.83
C ILE B 119 -10.08 11.23 -16.72
N ASP B 120 -10.99 12.00 -16.11
CA ASP B 120 -12.09 12.58 -16.87
C ASP B 120 -11.69 13.97 -17.39
N ALA B 121 -12.68 14.74 -17.84
CA ALA B 121 -12.42 16.06 -18.37
C ALA B 121 -11.91 17.04 -17.32
N GLU B 122 -12.17 16.76 -16.04
CA GLU B 122 -11.75 17.64 -14.96
C GLU B 122 -10.33 17.33 -14.45
N GLY B 123 -9.82 16.16 -14.80
CA GLY B 123 -8.48 15.77 -14.36
C GLY B 123 -8.57 14.81 -13.19
N ASN B 124 -9.80 14.40 -12.86
CA ASN B 124 -10.05 13.48 -11.75
C ASN B 124 -10.21 12.02 -12.20
N ASP B 125 -9.77 11.11 -11.33
CA ASP B 125 -9.79 9.69 -11.62
C ASP B 125 -11.13 9.03 -11.91
N VAL B 126 -11.13 8.14 -12.89
CA VAL B 126 -12.32 7.39 -13.26
C VAL B 126 -12.00 5.92 -12.98
N TYR B 127 -12.82 5.27 -12.15
CA TYR B 127 -12.61 3.87 -11.79
C TYR B 127 -13.63 2.94 -12.43
N ALA B 128 -13.21 1.72 -12.72
CA ALA B 128 -14.11 0.72 -13.30
C ALA B 128 -13.94 -0.63 -12.60
N PRO B 129 -15.01 -1.44 -12.57
CA PRO B 129 -14.94 -2.76 -11.93
C PRO B 129 -13.71 -3.54 -12.38
N PHE B 130 -13.06 -4.24 -11.44
CA PHE B 130 -11.88 -5.04 -11.73
C PHE B 130 -12.13 -6.06 -12.84
N ASN B 131 -13.33 -6.65 -12.85
CA ASN B 131 -13.67 -7.64 -13.86
C ASN B 131 -14.42 -7.05 -15.03
N SER B 132 -14.29 -5.75 -15.26
CA SER B 132 -14.99 -5.11 -16.37
C SER B 132 -14.08 -4.75 -17.55
N LEU B 133 -12.78 -4.90 -17.39
CA LEU B 133 -11.85 -4.58 -18.47
C LEU B 133 -11.86 -5.66 -19.56
N LEU B 134 -11.72 -6.92 -19.15
CA LEU B 134 -11.74 -8.05 -20.07
C LEU B 134 -12.74 -9.07 -19.55
N PRO B 135 -13.37 -9.83 -20.47
CA PRO B 135 -14.35 -10.84 -20.03
C PRO B 135 -13.79 -11.85 -19.05
N MET B 136 -14.45 -11.97 -17.91
CA MET B 136 -14.05 -12.93 -16.88
C MET B 136 -15.27 -13.72 -16.45
N VAL B 137 -15.06 -14.97 -16.06
CA VAL B 137 -16.17 -15.81 -15.64
C VAL B 137 -16.67 -15.34 -14.27
N SER B 138 -17.98 -15.37 -14.08
CA SER B 138 -18.59 -14.96 -12.84
C SER B 138 -18.77 -16.16 -11.92
N PRO B 139 -18.64 -15.94 -10.59
CA PRO B 139 -18.81 -17.03 -9.63
C PRO B 139 -20.24 -17.59 -9.65
N ASN B 140 -21.18 -16.78 -10.13
CA ASN B 140 -22.56 -17.20 -10.22
C ASN B 140 -22.71 -18.31 -11.24
N ASP B 141 -21.74 -18.43 -12.12
CA ASP B 141 -21.77 -19.46 -13.15
C ASP B 141 -20.87 -20.62 -12.83
N PHE B 142 -20.51 -20.76 -11.55
CA PHE B 142 -19.68 -21.85 -11.10
C PHE B 142 -20.59 -23.05 -10.85
N VAL B 143 -20.12 -24.22 -11.25
CA VAL B 143 -20.83 -25.49 -11.05
C VAL B 143 -19.86 -26.22 -10.11
N VAL B 144 -20.22 -26.30 -8.84
CA VAL B 144 -19.32 -26.88 -7.86
C VAL B 144 -19.58 -28.30 -7.35
N SER B 145 -18.50 -29.07 -7.31
CA SER B 145 -18.51 -30.42 -6.81
C SER B 145 -17.18 -30.60 -6.09
N GLY B 146 -16.75 -31.84 -5.89
CA GLY B 146 -15.48 -32.05 -5.22
C GLY B 146 -15.46 -33.26 -4.32
N TRP B 147 -14.38 -33.38 -3.54
CA TRP B 147 -14.18 -34.50 -2.64
C TRP B 147 -14.03 -34.06 -1.19
N ASP B 148 -14.16 -35.03 -0.28
CA ASP B 148 -13.98 -34.78 1.14
C ASP B 148 -13.95 -36.13 1.83
N ILE B 149 -13.12 -36.29 2.85
CA ILE B 149 -13.07 -37.57 3.56
C ILE B 149 -14.28 -37.79 4.44
N ASN B 150 -15.12 -36.76 4.60
CA ASN B 150 -16.34 -36.91 5.37
C ASN B 150 -17.50 -36.76 4.38
N ASN B 151 -18.49 -37.63 4.50
CA ASN B 151 -19.60 -37.61 3.55
C ASN B 151 -20.80 -36.70 3.84
N ALA B 152 -20.72 -35.86 4.86
CA ALA B 152 -21.83 -34.97 5.18
C ALA B 152 -22.23 -34.11 3.99
N ASP B 153 -23.54 -33.95 3.75
CA ASP B 153 -23.99 -33.11 2.64
C ASP B 153 -23.63 -31.67 3.00
N LEU B 154 -23.67 -30.76 2.02
CA LEU B 154 -23.27 -29.40 2.32
C LEU B 154 -24.17 -28.60 3.24
N TYR B 155 -25.37 -29.09 3.52
CA TYR B 155 -26.23 -28.37 4.46
C TYR B 155 -25.64 -28.68 5.84
N GLU B 156 -25.43 -29.97 6.10
CA GLU B 156 -24.85 -30.42 7.35
C GLU B 156 -23.47 -29.80 7.52
N ALA B 157 -22.74 -29.70 6.42
CA ALA B 157 -21.40 -29.10 6.45
C ALA B 157 -21.52 -27.66 6.94
N MET B 158 -22.52 -26.96 6.42
CA MET B 158 -22.78 -25.57 6.79
C MET B 158 -23.02 -25.46 8.28
N GLN B 159 -23.94 -26.27 8.80
CA GLN B 159 -24.27 -26.26 10.23
C GLN B 159 -23.03 -26.55 11.06
N ARG B 160 -22.31 -27.57 10.65
CA ARG B 160 -21.10 -27.96 11.33
C ARG B 160 -20.12 -26.79 11.38
N SER B 161 -19.98 -26.08 10.26
CA SER B 161 -19.05 -24.95 10.17
C SER B 161 -19.39 -23.73 11.02
N GLN B 162 -20.68 -23.48 11.22
CA GLN B 162 -21.14 -22.34 12.02
C GLN B 162 -20.55 -21.03 11.49
N VAL B 163 -20.54 -20.90 10.18
CA VAL B 163 -20.00 -19.71 9.55
C VAL B 163 -21.10 -18.72 9.17
N LEU B 164 -22.20 -19.25 8.63
CA LEU B 164 -23.30 -18.41 8.16
C LEU B 164 -24.53 -18.22 9.04
N GLU B 165 -25.21 -17.09 8.82
CA GLU B 165 -26.42 -16.73 9.54
C GLU B 165 -27.40 -17.87 9.46
N TYR B 166 -27.96 -18.23 10.60
CA TYR B 166 -28.91 -19.32 10.67
C TYR B 166 -30.02 -19.21 9.62
N ASP B 167 -30.61 -18.04 9.44
CA ASP B 167 -31.68 -17.90 8.46
C ASP B 167 -31.21 -18.13 7.03
N LEU B 168 -29.98 -17.72 6.72
CA LEU B 168 -29.45 -17.95 5.38
C LEU B 168 -29.22 -19.44 5.21
N GLN B 169 -28.76 -20.12 6.26
CA GLN B 169 -28.54 -21.55 6.17
C GLN B 169 -29.86 -22.27 5.89
N GLN B 170 -30.92 -21.83 6.55
CA GLN B 170 -32.23 -22.44 6.36
C GLN B 170 -32.79 -22.15 4.97
N ARG B 171 -32.55 -20.96 4.44
CA ARG B 171 -33.05 -20.66 3.11
C ARG B 171 -32.30 -21.45 2.05
N LEU B 172 -31.08 -21.88 2.37
CA LEU B 172 -30.27 -22.65 1.44
C LEU B 172 -30.32 -24.16 1.71
N LYS B 173 -31.02 -24.53 2.78
CA LYS B 173 -31.13 -25.92 3.18
C LYS B 173 -31.50 -26.87 2.05
N ALA B 174 -32.60 -26.59 1.38
CA ALA B 174 -33.08 -27.43 0.28
C ALA B 174 -32.05 -27.63 -0.82
N LYS B 175 -31.37 -26.58 -1.24
CA LYS B 175 -30.39 -26.72 -2.30
C LYS B 175 -29.08 -27.31 -1.83
N MET B 176 -28.60 -26.86 -0.68
CA MET B 176 -27.33 -27.33 -0.13
C MET B 176 -27.37 -28.82 0.22
N SER B 177 -28.53 -29.31 0.66
CA SER B 177 -28.69 -30.72 1.02
C SER B 177 -28.40 -31.64 -0.16
N LEU B 178 -28.76 -31.18 -1.36
CA LEU B 178 -28.56 -31.96 -2.58
C LEU B 178 -27.09 -32.17 -2.91
N VAL B 179 -26.22 -31.36 -2.35
CA VAL B 179 -24.78 -31.45 -2.62
C VAL B 179 -24.01 -32.31 -1.61
N LYS B 180 -23.42 -33.40 -2.10
CA LYS B 180 -22.63 -34.30 -1.27
C LYS B 180 -21.25 -34.51 -1.87
N PRO B 181 -20.19 -34.46 -1.03
CA PRO B 181 -18.81 -34.63 -1.49
C PRO B 181 -18.49 -36.08 -1.92
N LEU B 182 -17.64 -36.22 -2.94
CA LEU B 182 -17.24 -37.54 -3.42
C LEU B 182 -16.26 -38.11 -2.41
N PRO B 183 -16.14 -39.44 -2.33
CA PRO B 183 -15.18 -39.96 -1.36
C PRO B 183 -13.81 -39.47 -1.81
N SER B 184 -12.86 -39.41 -0.89
CA SER B 184 -11.54 -38.93 -1.22
C SER B 184 -10.44 -39.89 -0.82
N ILE B 185 -9.20 -39.43 -0.93
CA ILE B 185 -8.04 -40.25 -0.60
C ILE B 185 -7.57 -39.87 0.80
N TYR B 186 -7.53 -40.85 1.69
CA TYR B 186 -7.09 -40.59 3.05
C TYR B 186 -5.86 -41.39 3.45
N TYR B 187 -4.71 -40.71 3.48
CA TYR B 187 -3.46 -41.36 3.91
C TYR B 187 -3.24 -40.74 5.29
N PRO B 188 -3.69 -41.43 6.36
CA PRO B 188 -3.59 -41.00 7.76
C PRO B 188 -2.34 -40.25 8.15
N ASP B 189 -1.18 -40.80 7.82
CA ASP B 189 0.07 -40.17 8.20
C ASP B 189 0.34 -38.77 7.66
N PHE B 190 -0.48 -38.28 6.72
CA PHE B 190 -0.21 -36.96 6.19
C PHE B 190 -0.95 -35.81 6.86
N ILE B 191 -1.77 -36.12 7.87
CA ILE B 191 -2.50 -35.07 8.59
C ILE B 191 -2.65 -35.33 10.08
N ALA B 192 -3.23 -34.37 10.80
CA ALA B 192 -3.44 -34.45 12.24
C ALA B 192 -4.32 -35.64 12.66
N ALA B 193 -3.83 -36.44 13.59
CA ALA B 193 -4.54 -37.61 14.09
C ALA B 193 -6.05 -37.47 14.27
N ASN B 194 -6.47 -36.42 14.98
CA ASN B 194 -7.88 -36.17 15.25
C ASN B 194 -8.79 -36.23 14.02
N GLN B 195 -8.21 -36.10 12.83
CA GLN B 195 -8.97 -36.16 11.58
C GLN B 195 -9.06 -37.63 11.21
N ASP B 196 -9.48 -38.45 12.16
CA ASP B 196 -9.60 -39.88 11.97
C ASP B 196 -11.04 -40.32 11.72
N GLU B 197 -11.79 -40.52 12.80
CA GLU B 197 -13.19 -40.95 12.73
C GLU B 197 -14.07 -39.99 11.92
N ARG B 198 -13.45 -38.96 11.36
CA ARG B 198 -14.14 -37.98 10.54
C ARG B 198 -14.11 -38.55 9.12
N ALA B 199 -13.10 -39.38 8.88
CA ALA B 199 -12.90 -40.01 7.58
C ALA B 199 -13.81 -41.19 7.32
N ASN B 200 -15.02 -40.92 6.88
CA ASN B 200 -16.00 -41.97 6.59
C ASN B 200 -16.35 -41.96 5.12
N ASN B 201 -15.51 -41.32 4.31
CA ASN B 201 -15.78 -41.18 2.88
C ASN B 201 -14.47 -41.35 2.10
N CYS B 202 -13.93 -42.56 2.03
CA CYS B 202 -12.66 -42.80 1.33
C CYS B 202 -12.68 -43.81 0.17
N ILE B 203 -11.97 -43.51 -0.92
CA ILE B 203 -11.92 -44.42 -2.05
C ILE B 203 -10.78 -45.41 -1.81
N ASN B 204 -9.73 -44.97 -1.13
CA ASN B 204 -8.59 -45.85 -0.87
C ASN B 204 -8.83 -46.90 0.20
N LEU B 205 -9.38 -48.03 -0.24
CA LEU B 205 -9.68 -49.15 0.64
C LEU B 205 -9.16 -50.45 0.02
N ASP B 206 -8.85 -51.43 0.86
CA ASP B 206 -8.35 -52.72 0.38
C ASP B 206 -9.51 -53.69 0.24
N GLU B 207 -9.22 -54.89 -0.25
CA GLU B 207 -10.23 -55.94 -0.43
C GLU B 207 -10.83 -56.46 0.88
N LYS B 208 -10.57 -55.74 1.97
CA LYS B 208 -11.09 -56.11 3.28
C LYS B 208 -12.01 -54.98 3.70
N GLY B 209 -11.90 -53.85 3.00
CA GLY B 209 -12.71 -52.68 3.27
C GLY B 209 -12.02 -51.63 4.13
N ASN B 210 -10.75 -51.85 4.44
CA ASN B 210 -9.99 -50.93 5.27
C ASN B 210 -9.20 -49.88 4.51
N VAL B 211 -9.01 -48.73 5.17
CA VAL B 211 -8.25 -47.62 4.60
C VAL B 211 -6.81 -48.06 4.40
N THR B 212 -6.32 -47.92 3.17
CA THR B 212 -4.97 -48.32 2.84
C THR B 212 -4.21 -47.29 1.99
N THR B 213 -2.88 -47.37 2.02
CA THR B 213 -2.03 -46.47 1.25
C THR B 213 -1.43 -47.26 0.09
N ARG B 214 -1.93 -48.47 -0.09
CA ARG B 214 -1.49 -49.37 -1.15
C ARG B 214 -2.39 -49.18 -2.37
N GLY B 215 -1.79 -49.17 -3.56
CA GLY B 215 -2.56 -48.99 -4.78
C GLY B 215 -2.80 -47.54 -5.15
N LYS B 216 -1.81 -46.69 -4.84
CA LYS B 216 -1.91 -45.26 -5.11
C LYS B 216 -2.22 -44.91 -6.57
N TRP B 217 -1.77 -45.74 -7.51
CA TRP B 217 -2.05 -45.47 -8.91
C TRP B 217 -3.54 -45.65 -9.19
N THR B 218 -4.14 -46.59 -8.47
CA THR B 218 -5.56 -46.85 -8.63
C THR B 218 -6.33 -45.64 -8.13
N HIS B 219 -5.81 -45.02 -7.06
CA HIS B 219 -6.47 -43.84 -6.50
C HIS B 219 -6.40 -42.74 -7.53
N LEU B 220 -5.21 -42.55 -8.10
CA LEU B 220 -5.01 -41.55 -9.13
C LEU B 220 -6.00 -41.75 -10.26
N GLN B 221 -6.11 -42.99 -10.73
CA GLN B 221 -7.02 -43.31 -11.82
C GLN B 221 -8.47 -42.97 -11.46
N ARG B 222 -8.83 -43.17 -10.20
CA ARG B 222 -10.19 -42.88 -9.74
C ARG B 222 -10.48 -41.38 -9.70
N ILE B 223 -9.48 -40.56 -9.37
CA ILE B 223 -9.69 -39.10 -9.34
C ILE B 223 -9.90 -38.58 -10.78
N ARG B 224 -9.11 -39.10 -11.72
CA ARG B 224 -9.23 -38.71 -13.11
C ARG B 224 -10.63 -39.03 -13.62
N ARG B 225 -11.13 -40.19 -13.21
CA ARG B 225 -12.48 -40.62 -13.58
C ARG B 225 -13.50 -39.65 -12.97
N ASP B 226 -13.31 -39.30 -11.69
CA ASP B 226 -14.23 -38.37 -11.02
C ASP B 226 -14.28 -37.06 -11.78
N ILE B 227 -13.12 -36.64 -12.29
CA ILE B 227 -13.03 -35.40 -13.04
C ILE B 227 -13.71 -35.55 -14.40
N GLN B 228 -13.47 -36.68 -15.06
CA GLN B 228 -14.08 -36.93 -16.37
C GLN B 228 -15.59 -37.02 -16.22
N ASN B 229 -16.05 -37.69 -15.18
CA ASN B 229 -17.49 -37.83 -14.95
C ASN B 229 -18.15 -36.51 -14.62
N PHE B 230 -17.49 -35.68 -13.80
CA PHE B 230 -18.02 -34.38 -13.44
C PHE B 230 -18.24 -33.57 -14.70
N LYS B 231 -17.23 -33.54 -15.58
CA LYS B 231 -17.28 -32.83 -16.86
C LYS B 231 -18.46 -33.30 -17.71
N GLU B 232 -18.47 -34.60 -18.01
CA GLU B 232 -19.52 -35.18 -18.84
C GLU B 232 -20.89 -35.00 -18.20
N GLU B 233 -21.00 -35.36 -16.93
CA GLU B 233 -22.22 -35.25 -16.17
C GLU B 233 -22.91 -33.88 -16.32
N ASN B 234 -22.11 -32.81 -16.30
CA ASN B 234 -22.68 -31.46 -16.41
C ASN B 234 -22.42 -30.80 -17.76
N ALA B 235 -21.85 -31.54 -18.70
CA ALA B 235 -21.56 -30.99 -20.01
C ALA B 235 -20.72 -29.74 -19.85
N LEU B 236 -19.56 -29.89 -19.21
CA LEU B 236 -18.66 -28.77 -18.98
C LEU B 236 -17.36 -28.93 -19.73
N ASP B 237 -16.93 -27.86 -20.39
CA ASP B 237 -15.68 -27.89 -21.13
C ASP B 237 -14.52 -27.54 -20.20
N LYS B 238 -14.73 -26.52 -19.38
CA LYS B 238 -13.70 -26.08 -18.45
C LYS B 238 -13.95 -26.48 -17.00
N VAL B 239 -12.90 -26.96 -16.37
CA VAL B 239 -12.96 -27.36 -14.98
C VAL B 239 -11.66 -26.95 -14.33
N ILE B 240 -11.75 -26.49 -13.08
CA ILE B 240 -10.57 -26.12 -12.32
C ILE B 240 -10.68 -26.83 -10.98
N VAL B 241 -9.55 -27.35 -10.48
CA VAL B 241 -9.52 -28.06 -9.21
C VAL B 241 -8.73 -27.21 -8.20
N LEU B 242 -9.23 -27.15 -6.97
CA LEU B 242 -8.55 -26.37 -5.94
C LEU B 242 -8.56 -27.09 -4.60
N TRP B 243 -7.38 -27.23 -4.02
CA TRP B 243 -7.24 -27.90 -2.73
C TRP B 243 -7.54 -26.93 -1.59
N THR B 244 -8.54 -27.25 -0.78
CA THR B 244 -8.90 -26.44 0.38
C THR B 244 -9.26 -27.41 1.50
N ALA B 245 -8.41 -28.41 1.65
CA ALA B 245 -8.59 -29.45 2.65
C ALA B 245 -7.51 -29.24 3.70
N ASN B 246 -7.61 -29.96 4.81
CA ASN B 246 -6.64 -29.82 5.87
C ASN B 246 -5.20 -29.84 5.41
N THR B 247 -4.37 -29.04 6.05
CA THR B 247 -2.96 -28.94 5.75
C THR B 247 -2.27 -30.28 5.98
N GLU B 248 -1.48 -30.70 5.00
CA GLU B 248 -0.74 -31.95 5.07
C GLU B 248 0.66 -31.68 5.61
N ARG B 249 1.37 -32.74 5.97
CA ARG B 249 2.73 -32.57 6.47
C ARG B 249 3.69 -32.66 5.30
N TYR B 250 4.47 -31.60 5.09
CA TYR B 250 5.47 -31.55 4.03
C TYR B 250 6.08 -32.91 3.70
N VAL B 251 6.34 -33.15 2.43
CA VAL B 251 6.94 -34.40 1.99
C VAL B 251 8.39 -34.13 1.69
N GLU B 252 9.22 -35.15 1.77
CA GLU B 252 10.63 -34.99 1.49
C GLU B 252 10.90 -35.24 0.02
N VAL B 253 11.59 -34.30 -0.62
CA VAL B 253 11.93 -34.42 -2.03
C VAL B 253 13.26 -35.14 -2.20
N SER B 254 13.23 -36.32 -2.79
CA SER B 254 14.45 -37.09 -2.98
C SER B 254 14.70 -37.43 -4.44
N PRO B 255 15.96 -37.70 -4.80
CA PRO B 255 16.29 -38.05 -6.18
C PRO B 255 15.64 -39.38 -6.55
N GLY B 256 15.22 -39.50 -7.81
CA GLY B 256 14.60 -40.72 -8.25
C GLY B 256 13.23 -41.01 -7.68
N VAL B 257 12.86 -40.32 -6.60
CA VAL B 257 11.55 -40.52 -6.00
C VAL B 257 10.52 -39.57 -6.57
N ASN B 258 10.76 -38.27 -6.41
CA ASN B 258 9.84 -37.26 -6.92
C ASN B 258 10.53 -36.04 -7.49
N ASP B 259 11.75 -36.22 -7.99
CA ASP B 259 12.51 -35.10 -8.56
C ASP B 259 12.15 -34.87 -10.02
N THR B 260 11.56 -35.87 -10.66
CA THR B 260 11.18 -35.73 -12.06
C THR B 260 9.83 -36.35 -12.41
N MET B 261 9.29 -35.90 -13.54
CA MET B 261 8.00 -36.33 -14.07
C MET B 261 7.88 -37.84 -14.17
N GLU B 262 8.93 -38.49 -14.65
CA GLU B 262 8.91 -39.94 -14.80
C GLU B 262 9.04 -40.67 -13.46
N ASN B 263 9.86 -40.14 -12.56
CA ASN B 263 10.05 -40.75 -11.24
C ASN B 263 8.76 -40.61 -10.43
N LEU B 264 8.25 -39.39 -10.38
CA LEU B 264 7.03 -39.09 -9.65
C LEU B 264 5.94 -40.11 -9.98
N LEU B 265 5.65 -40.26 -11.27
CA LEU B 265 4.63 -41.21 -11.69
C LEU B 265 4.98 -42.62 -11.25
N GLN B 266 6.27 -42.95 -11.31
CA GLN B 266 6.71 -44.28 -10.92
C GLN B 266 6.51 -44.54 -9.43
N SER B 267 6.87 -43.55 -8.62
CA SER B 267 6.72 -43.66 -7.17
C SER B 267 5.24 -43.80 -6.80
N ILE B 268 4.37 -43.15 -7.57
CA ILE B 268 2.94 -43.26 -7.29
C ILE B 268 2.53 -44.72 -7.51
N LYS B 269 3.02 -45.31 -8.60
CA LYS B 269 2.69 -46.71 -8.92
C LYS B 269 3.36 -47.63 -7.91
N ASN B 270 4.44 -47.14 -7.30
CA ASN B 270 5.20 -47.89 -6.30
C ASN B 270 4.71 -47.60 -4.89
N ASP B 271 3.54 -46.98 -4.76
CA ASP B 271 2.94 -46.65 -3.47
C ASP B 271 3.93 -46.01 -2.51
N HIS B 272 4.86 -45.21 -3.04
CA HIS B 272 5.88 -44.56 -2.22
C HIS B 272 5.35 -43.69 -1.09
N GLU B 273 5.99 -43.81 0.07
CA GLU B 273 5.59 -43.08 1.27
C GLU B 273 5.61 -41.55 1.20
N GLU B 274 6.24 -41.00 0.18
CA GLU B 274 6.28 -39.55 0.06
C GLU B 274 5.27 -39.05 -0.97
N ILE B 275 4.34 -39.93 -1.33
CA ILE B 275 3.29 -39.56 -2.28
C ILE B 275 2.06 -39.27 -1.43
N ALA B 276 1.78 -37.98 -1.24
CA ALA B 276 0.63 -37.55 -0.43
C ALA B 276 -0.65 -37.47 -1.26
N PRO B 277 -1.80 -37.43 -0.57
CA PRO B 277 -3.09 -37.33 -1.27
C PRO B 277 -3.14 -36.13 -2.20
N SER B 278 -2.61 -34.99 -1.75
CA SER B 278 -2.62 -33.80 -2.58
C SER B 278 -1.72 -34.02 -3.79
N THR B 279 -0.71 -34.87 -3.62
CA THR B 279 0.22 -35.18 -4.71
C THR B 279 -0.54 -35.86 -5.84
N ILE B 280 -1.48 -36.71 -5.47
CA ILE B 280 -2.27 -37.45 -6.44
C ILE B 280 -3.36 -36.61 -7.08
N PHE B 281 -4.02 -35.75 -6.31
CA PHE B 281 -5.04 -34.91 -6.90
C PHE B 281 -4.40 -33.98 -7.91
N ALA B 282 -3.19 -33.54 -7.62
CA ALA B 282 -2.47 -32.63 -8.51
C ALA B 282 -2.09 -33.35 -9.80
N ALA B 283 -1.54 -34.55 -9.66
CA ALA B 283 -1.14 -35.33 -10.82
C ALA B 283 -2.35 -35.68 -11.68
N ALA B 284 -3.45 -36.07 -11.04
CA ALA B 284 -4.67 -36.42 -11.74
C ALA B 284 -5.23 -35.23 -12.50
N SER B 285 -5.20 -34.06 -11.87
CA SER B 285 -5.71 -32.85 -12.49
C SER B 285 -4.84 -32.47 -13.68
N ILE B 286 -3.53 -32.59 -13.50
CA ILE B 286 -2.58 -32.27 -14.56
C ILE B 286 -2.79 -33.18 -15.77
N LEU B 287 -2.94 -34.47 -15.52
CA LEU B 287 -3.16 -35.45 -16.58
C LEU B 287 -4.48 -35.19 -17.30
N GLU B 288 -5.48 -34.70 -16.57
CA GLU B 288 -6.76 -34.39 -17.18
C GLU B 288 -6.73 -32.99 -17.77
N GLY B 289 -5.55 -32.36 -17.72
CA GLY B 289 -5.40 -31.02 -18.26
C GLY B 289 -6.19 -29.94 -17.55
N VAL B 290 -6.61 -30.19 -16.31
CA VAL B 290 -7.36 -29.15 -15.59
C VAL B 290 -6.43 -28.42 -14.60
N PRO B 291 -6.52 -27.08 -14.58
CA PRO B 291 -5.68 -26.27 -13.67
C PRO B 291 -5.86 -26.72 -12.23
N TYR B 292 -4.75 -26.77 -11.50
CA TYR B 292 -4.80 -27.19 -10.09
C TYR B 292 -4.23 -26.12 -9.16
N ILE B 293 -5.03 -25.70 -8.19
CA ILE B 293 -4.61 -24.67 -7.24
C ILE B 293 -4.43 -25.24 -5.83
N ASN B 294 -3.23 -25.08 -5.26
CA ASN B 294 -2.97 -25.57 -3.92
C ASN B 294 -3.25 -24.49 -2.88
N GLY B 295 -4.38 -24.60 -2.19
CA GLY B 295 -4.73 -23.61 -1.20
C GLY B 295 -4.22 -23.87 0.20
N SER B 296 -3.26 -24.78 0.32
CA SER B 296 -2.69 -25.12 1.62
C SER B 296 -1.18 -24.99 1.59
N PRO B 297 -0.54 -24.93 2.78
CA PRO B 297 0.91 -24.79 2.95
C PRO B 297 1.84 -25.91 2.49
N GLN B 298 1.39 -27.16 2.58
CA GLN B 298 2.25 -28.28 2.18
C GLN B 298 2.88 -28.06 0.80
N ASN B 299 4.05 -28.65 0.60
CA ASN B 299 4.79 -28.53 -0.64
C ASN B 299 4.29 -29.55 -1.66
N THR B 300 3.01 -29.48 -1.98
CA THR B 300 2.43 -30.41 -2.94
C THR B 300 3.24 -30.45 -4.23
N PHE B 301 3.52 -29.27 -4.77
CA PHE B 301 4.25 -29.14 -6.02
C PHE B 301 5.73 -29.48 -5.98
N VAL B 302 6.04 -30.77 -5.87
CA VAL B 302 7.43 -31.20 -5.85
C VAL B 302 7.93 -31.11 -7.29
N PRO B 303 9.26 -31.06 -7.49
CA PRO B 303 9.87 -30.97 -8.82
C PRO B 303 9.22 -31.83 -9.89
N GLY B 304 9.17 -33.14 -9.63
CA GLY B 304 8.57 -34.05 -10.59
C GLY B 304 7.17 -33.63 -10.99
N LEU B 305 6.44 -33.05 -10.05
CA LEU B 305 5.08 -32.61 -10.33
C LEU B 305 5.07 -31.37 -11.20
N VAL B 306 6.04 -30.48 -11.01
CA VAL B 306 6.11 -29.26 -11.82
C VAL B 306 6.49 -29.60 -13.26
N GLN B 307 7.30 -30.64 -13.43
CA GLN B 307 7.70 -31.08 -14.77
C GLN B 307 6.48 -31.61 -15.51
N LEU B 308 5.64 -32.38 -14.80
CA LEU B 308 4.44 -32.94 -15.40
C LEU B 308 3.52 -31.82 -15.89
N ALA B 309 3.41 -30.76 -15.09
CA ALA B 309 2.56 -29.63 -15.45
C ALA B 309 3.11 -28.94 -16.71
N GLU B 310 4.41 -28.71 -16.74
CA GLU B 310 5.05 -28.08 -17.89
C GLU B 310 4.80 -28.94 -19.12
N HIS B 311 5.19 -30.20 -19.00
CA HIS B 311 5.03 -31.17 -20.08
C HIS B 311 3.61 -31.21 -20.65
N GLU B 312 2.62 -31.35 -19.78
CA GLU B 312 1.23 -31.41 -20.22
C GLU B 312 0.71 -30.02 -20.56
N GLY B 313 1.53 -29.00 -20.30
CA GLY B 313 1.12 -27.64 -20.56
C GLY B 313 -0.13 -27.30 -19.76
N THR B 314 -0.14 -27.70 -18.49
CA THR B 314 -1.25 -27.44 -17.60
C THR B 314 -0.84 -26.39 -16.57
N PHE B 315 -1.78 -25.55 -16.18
CA PHE B 315 -1.49 -24.50 -15.21
C PHE B 315 -1.67 -24.98 -13.78
N ILE B 316 -0.70 -24.65 -12.94
CA ILE B 316 -0.76 -24.98 -11.51
C ILE B 316 -0.57 -23.66 -10.79
N ALA B 317 -0.73 -23.67 -9.47
CA ALA B 317 -0.56 -22.45 -8.68
C ALA B 317 -0.82 -22.73 -7.21
N GLY B 318 -0.41 -21.80 -6.35
CA GLY B 318 -0.68 -21.99 -4.95
C GLY B 318 0.40 -21.97 -3.90
N ASP B 319 0.03 -22.62 -2.79
CA ASP B 319 0.79 -22.79 -1.57
C ASP B 319 0.33 -21.84 -0.47
N ASP B 320 -0.79 -22.23 0.14
CA ASP B 320 -1.44 -21.51 1.24
C ASP B 320 -2.21 -20.26 0.82
N LEU B 321 -3.46 -20.18 1.25
CA LEU B 321 -4.30 -19.03 0.95
C LEU B 321 -3.79 -17.88 1.80
N LYS B 322 -3.21 -16.86 1.18
CA LYS B 322 -2.69 -15.71 1.92
C LYS B 322 -3.82 -15.15 2.76
N SER B 323 -3.84 -15.51 4.04
CA SER B 323 -4.89 -15.06 4.94
C SER B 323 -4.84 -13.56 5.21
N GLY B 324 -5.91 -13.07 5.82
CA GLY B 324 -6.01 -11.65 6.14
C GLY B 324 -4.83 -11.11 6.89
N GLN B 325 -4.53 -11.69 8.05
CA GLN B 325 -3.41 -11.22 8.86
C GLN B 325 -2.12 -11.07 8.04
N THR B 326 -1.64 -12.19 7.51
CA THR B 326 -0.41 -12.20 6.72
C THR B 326 -0.51 -11.14 5.64
N LYS B 327 -1.72 -10.96 5.13
CA LYS B 327 -2.01 -9.99 4.08
C LYS B 327 -1.74 -8.56 4.58
N LEU B 328 -2.43 -8.20 5.65
CA LEU B 328 -2.29 -6.89 6.27
C LEU B 328 -0.92 -6.68 6.91
N LYS B 329 -0.29 -7.77 7.34
CA LYS B 329 1.02 -7.70 7.98
C LYS B 329 2.11 -7.32 6.98
N SER B 330 1.99 -7.79 5.74
CA SER B 330 2.98 -7.46 4.74
C SER B 330 2.79 -6.00 4.35
N VAL B 331 1.54 -5.56 4.34
CA VAL B 331 1.20 -4.18 4.00
C VAL B 331 1.81 -3.21 5.03
N LEU B 332 1.51 -3.43 6.31
CA LEU B 332 2.03 -2.57 7.38
C LEU B 332 3.56 -2.58 7.45
N ALA B 333 4.14 -3.77 7.46
CA ALA B 333 5.59 -3.88 7.52
C ALA B 333 6.21 -3.13 6.36
N GLN B 334 5.66 -3.33 5.17
CA GLN B 334 6.18 -2.66 3.98
C GLN B 334 6.06 -1.15 4.15
N PHE B 335 4.88 -0.72 4.56
CA PHE B 335 4.58 0.70 4.77
C PHE B 335 5.59 1.35 5.69
N LEU B 336 5.90 0.69 6.80
CA LEU B 336 6.88 1.22 7.76
C LEU B 336 8.25 1.35 7.10
N VAL B 337 8.74 0.27 6.49
CA VAL B 337 10.05 0.32 5.86
C VAL B 337 10.13 1.31 4.70
N ASP B 338 9.04 1.49 3.98
CA ASP B 338 9.02 2.45 2.86
C ASP B 338 9.11 3.89 3.38
N ALA B 339 8.73 4.08 4.65
CA ALA B 339 8.76 5.39 5.27
C ALA B 339 10.09 5.66 5.98
N GLY B 340 11.02 4.71 5.90
CA GLY B 340 12.31 4.88 6.54
C GLY B 340 12.28 4.54 8.04
N ILE B 341 11.23 3.85 8.47
CA ILE B 341 11.08 3.43 9.86
C ILE B 341 11.55 1.98 9.95
N LYS B 342 12.24 1.63 11.03
CA LYS B 342 12.79 0.29 11.16
C LYS B 342 12.14 -0.69 12.13
N PRO B 343 11.24 -1.57 11.64
CA PRO B 343 10.64 -2.49 12.60
C PRO B 343 11.80 -3.37 13.11
N VAL B 344 11.85 -3.64 14.41
CA VAL B 344 12.92 -4.47 14.94
C VAL B 344 12.33 -5.70 15.62
N SER B 345 11.02 -5.68 15.79
CA SER B 345 10.31 -6.77 16.43
C SER B 345 8.86 -6.81 15.94
N ILE B 346 8.43 -7.98 15.49
CA ILE B 346 7.06 -8.18 15.02
C ILE B 346 6.54 -9.49 15.59
N ALA B 347 5.57 -9.42 16.47
CA ALA B 347 5.00 -10.62 17.09
C ALA B 347 3.58 -10.88 16.61
N SER B 348 3.30 -12.10 16.17
CA SER B 348 1.97 -12.47 15.70
C SER B 348 1.41 -13.67 16.48
N TYR B 349 0.26 -13.49 17.11
CA TYR B 349 -0.40 -14.53 17.87
C TYR B 349 -1.78 -14.71 17.27
N ASN B 350 -2.23 -15.95 17.14
CA ASN B 350 -3.53 -16.22 16.55
C ASN B 350 -4.24 -17.41 17.18
N HIS B 351 -5.56 -17.34 17.26
CA HIS B 351 -6.32 -18.46 17.77
C HIS B 351 -7.68 -18.55 17.10
N LEU B 352 -8.06 -19.78 16.76
CA LEU B 352 -9.32 -20.05 16.10
C LEU B 352 -9.88 -21.33 16.69
N GLY B 353 -11.17 -21.56 16.50
CA GLY B 353 -11.77 -22.75 17.07
C GLY B 353 -12.45 -23.66 16.07
N ASN B 354 -12.09 -23.55 14.79
CA ASN B 354 -12.69 -24.39 13.75
C ASN B 354 -11.85 -25.65 13.49
N ASN B 355 -12.32 -26.51 12.59
CA ASN B 355 -11.58 -27.74 12.29
C ASN B 355 -10.17 -27.42 11.81
N ASP B 356 -10.05 -26.35 11.02
CA ASP B 356 -8.75 -25.92 10.51
C ASP B 356 -7.81 -25.76 11.72
N GLY B 357 -8.22 -24.95 12.70
CA GLY B 357 -7.41 -24.76 13.88
C GLY B 357 -7.13 -26.08 14.59
N TYR B 358 -8.13 -26.96 14.58
CA TYR B 358 -8.00 -28.25 15.24
C TYR B 358 -6.91 -29.09 14.56
N ASN B 359 -6.93 -29.10 13.23
CA ASN B 359 -5.95 -29.86 12.46
C ASN B 359 -4.54 -29.26 12.57
N LEU B 360 -4.46 -27.93 12.67
CA LEU B 360 -3.18 -27.25 12.79
C LEU B 360 -2.63 -27.36 14.21
N SER B 361 -3.47 -27.82 15.14
CA SER B 361 -3.07 -27.97 16.54
C SER B 361 -1.93 -28.97 16.64
N ALA B 362 -1.74 -29.75 15.58
CA ALA B 362 -0.66 -30.72 15.51
C ALA B 362 0.54 -30.00 14.88
N PRO B 363 1.74 -30.17 15.47
CA PRO B 363 2.98 -29.55 15.01
C PRO B 363 3.35 -29.69 13.52
N LYS B 364 3.12 -30.87 12.95
CA LYS B 364 3.45 -31.12 11.54
C LYS B 364 2.59 -30.33 10.54
N GLN B 365 1.38 -29.99 10.96
CA GLN B 365 0.46 -29.22 10.13
C GLN B 365 0.78 -27.73 10.30
N PHE B 366 0.93 -27.30 11.54
CA PHE B 366 1.26 -25.91 11.84
C PHE B 366 2.63 -25.54 11.28
N ARG B 367 3.59 -26.45 11.43
CA ARG B 367 4.95 -26.21 10.95
C ARG B 367 4.98 -25.81 9.47
N SER B 368 4.06 -26.36 8.68
CA SER B 368 3.98 -26.05 7.27
C SER B 368 3.65 -24.58 7.09
N LYS B 369 2.66 -24.12 7.86
CA LYS B 369 2.18 -22.74 7.84
C LYS B 369 3.15 -21.72 8.45
N GLU B 370 3.98 -22.17 9.39
CA GLU B 370 4.95 -21.29 10.05
C GLU B 370 6.10 -20.93 9.08
N ILE B 371 6.29 -21.78 8.07
CA ILE B 371 7.34 -21.58 7.06
C ILE B 371 6.98 -20.50 6.03
N SER B 372 5.72 -20.51 5.58
CA SER B 372 5.23 -19.57 4.57
C SER B 372 5.03 -18.13 5.07
N LYS B 373 4.25 -17.98 6.14
CA LYS B 373 3.94 -16.67 6.73
C LYS B 373 5.15 -15.85 7.24
N SER B 374 6.30 -16.51 7.40
CA SER B 374 7.50 -15.86 7.90
C SER B 374 8.37 -15.16 6.85
N SER B 375 8.66 -15.88 5.77
CA SER B 375 9.50 -15.39 4.67
C SER B 375 9.21 -13.97 4.15
N VAL B 376 7.97 -13.51 4.32
CA VAL B 376 7.57 -12.20 3.84
C VAL B 376 8.34 -10.97 4.36
N ILE B 377 8.79 -11.00 5.61
CA ILE B 377 9.52 -9.85 6.14
C ILE B 377 11.00 -9.86 5.75
N ASP B 378 11.47 -11.02 5.28
CA ASP B 378 12.86 -11.14 4.86
C ASP B 378 13.08 -10.37 3.58
N ASP B 379 12.04 -10.25 2.77
CA ASP B 379 12.12 -9.52 1.50
C ASP B 379 12.28 -8.05 1.84
N ILE B 380 11.51 -7.62 2.84
CA ILE B 380 11.55 -6.24 3.31
C ILE B 380 12.89 -5.90 3.92
N ILE B 381 13.37 -6.75 4.83
CA ILE B 381 14.67 -6.52 5.45
C ILE B 381 15.72 -6.33 4.38
N ALA B 382 15.73 -7.24 3.41
CA ALA B 382 16.70 -7.20 2.32
C ALA B 382 16.60 -5.99 1.39
N SER B 383 15.40 -5.42 1.26
CA SER B 383 15.20 -4.27 0.36
C SER B 383 15.80 -2.96 0.86
N ASN B 384 16.25 -2.92 2.11
CA ASN B 384 16.77 -1.69 2.68
C ASN B 384 18.01 -1.90 3.55
N ASP B 385 19.20 -1.68 2.98
CA ASP B 385 20.43 -1.84 3.75
C ASP B 385 20.83 -0.56 4.47
N ILE B 386 19.95 0.44 4.43
CA ILE B 386 20.22 1.69 5.13
C ILE B 386 19.84 1.41 6.57
N LEU B 387 18.70 0.74 6.73
CA LEU B 387 18.19 0.37 8.05
C LEU B 387 18.76 -0.96 8.52
N TYR B 388 18.71 -1.97 7.66
CA TYR B 388 19.22 -3.28 8.05
C TYR B 388 20.59 -3.56 7.48
N ASN B 389 21.61 -3.47 8.32
CA ASN B 389 22.98 -3.73 7.90
C ASN B 389 23.77 -4.25 9.09
N ASP B 390 24.99 -4.72 8.83
CA ASP B 390 25.83 -5.28 9.89
C ASP B 390 26.26 -4.28 10.96
N LYS B 391 26.18 -2.99 10.66
CA LYS B 391 26.58 -1.98 11.63
C LYS B 391 25.44 -1.66 12.59
N LEU B 392 24.24 -1.49 12.05
CA LEU B 392 23.07 -1.17 12.87
C LEU B 392 22.28 -2.41 13.25
N GLY B 393 22.60 -3.54 12.62
CA GLY B 393 21.87 -4.76 12.90
C GLY B 393 20.91 -4.99 11.74
N LYS B 394 20.89 -6.20 11.20
CA LYS B 394 20.04 -6.51 10.07
C LYS B 394 18.94 -7.51 10.36
N LYS B 395 18.69 -7.77 11.63
CA LYS B 395 17.66 -8.74 11.98
C LYS B 395 16.38 -8.11 12.50
N VAL B 396 15.27 -8.83 12.33
CA VAL B 396 13.98 -8.40 12.84
C VAL B 396 13.34 -9.58 13.57
N ASP B 397 13.29 -9.53 14.89
CA ASP B 397 12.68 -10.61 15.64
C ASP B 397 11.26 -10.78 15.15
N HIS B 398 10.87 -12.03 14.91
CA HIS B 398 9.54 -12.31 14.41
C HIS B 398 9.07 -13.63 14.99
N CYS B 399 7.78 -13.74 15.30
CA CYS B 399 7.27 -14.99 15.84
C CYS B 399 5.82 -15.18 15.41
N ILE B 400 5.49 -16.41 15.01
CA ILE B 400 4.16 -16.76 14.58
C ILE B 400 3.63 -17.88 15.48
N VAL B 401 2.54 -17.59 16.19
CA VAL B 401 1.93 -18.54 17.10
C VAL B 401 0.46 -18.74 16.76
N ILE B 402 0.03 -19.99 16.68
CA ILE B 402 -1.35 -20.30 16.39
C ILE B 402 -1.84 -21.30 17.44
N LYS B 403 -2.88 -20.94 18.18
CA LYS B 403 -3.42 -21.83 19.20
C LYS B 403 -4.87 -22.17 18.88
N TYR B 404 -5.27 -23.37 19.28
CA TYR B 404 -6.63 -23.82 19.05
C TYR B 404 -7.51 -23.45 20.24
N MET B 405 -8.45 -22.53 20.01
CA MET B 405 -9.36 -22.07 21.06
C MET B 405 -10.78 -22.29 20.53
N LYS B 406 -11.25 -23.52 20.63
CA LYS B 406 -12.56 -23.92 20.13
C LYS B 406 -13.71 -22.91 20.24
N PRO B 407 -13.94 -22.33 21.43
CA PRO B 407 -15.03 -21.36 21.65
C PRO B 407 -15.14 -20.19 20.67
N VAL B 408 -14.02 -19.69 20.14
CA VAL B 408 -14.09 -18.57 19.21
C VAL B 408 -14.51 -19.07 17.82
N GLY B 409 -14.71 -20.37 17.70
CA GLY B 409 -15.14 -20.96 16.44
C GLY B 409 -14.40 -20.54 15.18
N ASP B 410 -15.14 -20.19 14.15
CA ASP B 410 -14.53 -19.77 12.89
C ASP B 410 -13.97 -18.36 12.95
N SER B 411 -14.37 -17.61 13.99
CA SER B 411 -13.90 -16.24 14.14
C SER B 411 -12.48 -16.21 14.67
N LYS B 412 -11.52 -16.26 13.76
CA LYS B 412 -10.12 -16.22 14.12
C LYS B 412 -9.76 -14.84 14.67
N VAL B 413 -8.98 -14.84 15.74
CA VAL B 413 -8.53 -13.61 16.36
C VAL B 413 -7.05 -13.56 16.09
N ALA B 414 -6.59 -12.43 15.57
CA ALA B 414 -5.17 -12.25 15.28
C ALA B 414 -4.69 -11.05 16.06
N MET B 415 -3.60 -11.22 16.79
CA MET B 415 -3.03 -10.16 17.60
C MET B 415 -1.55 -9.97 17.24
N ASP B 416 -1.23 -8.83 16.63
CA ASP B 416 0.15 -8.52 16.25
C ASP B 416 0.69 -7.31 17.01
N GLU B 417 2.01 -7.16 17.02
CA GLU B 417 2.62 -6.04 17.69
C GLU B 417 3.88 -5.69 16.95
N TYR B 418 3.91 -4.50 16.34
CA TYR B 418 5.08 -4.05 15.60
C TYR B 418 5.83 -3.06 16.47
N TYR B 419 7.09 -3.37 16.76
CA TYR B 419 7.90 -2.49 17.57
C TYR B 419 9.01 -2.02 16.63
N SER B 420 9.05 -0.70 16.41
CA SER B 420 9.99 -0.10 15.49
C SER B 420 10.81 1.02 16.10
N GLU B 421 11.98 1.25 15.52
CA GLU B 421 12.86 2.30 15.99
C GLU B 421 12.62 3.56 15.15
N LEU B 422 12.59 4.71 15.82
CA LEU B 422 12.43 6.01 15.18
C LEU B 422 13.77 6.70 15.37
N MET B 423 13.93 7.92 14.86
CA MET B 423 15.20 8.60 15.02
C MET B 423 15.55 8.94 16.47
N LEU B 424 16.84 9.12 16.72
CA LEU B 424 17.36 9.50 18.03
C LEU B 424 16.83 8.74 19.25
N GLY B 425 16.80 7.41 19.18
CA GLY B 425 16.34 6.62 20.32
C GLY B 425 14.84 6.40 20.50
N GLY B 426 14.03 7.01 19.64
CA GLY B 426 12.59 6.84 19.76
C GLY B 426 12.09 5.48 19.28
N HIS B 427 10.84 5.19 19.59
CA HIS B 427 10.22 3.93 19.20
C HIS B 427 8.75 4.11 18.83
N ASN B 428 8.24 3.18 18.06
CA ASN B 428 6.84 3.22 17.67
C ASN B 428 6.31 1.84 18.01
N ARG B 429 5.20 1.79 18.73
CA ARG B 429 4.62 0.51 19.08
C ARG B 429 3.19 0.46 18.53
N ILE B 430 2.98 -0.42 17.56
CA ILE B 430 1.68 -0.58 16.97
C ILE B 430 1.23 -1.96 17.38
N SER B 431 0.08 -2.05 18.03
CA SER B 431 -0.44 -3.35 18.44
C SER B 431 -1.83 -3.49 17.86
N ILE B 432 -2.08 -4.62 17.23
CA ILE B 432 -3.36 -4.87 16.59
C ILE B 432 -4.15 -6.04 17.15
N HIS B 433 -5.46 -5.97 16.94
CA HIS B 433 -6.40 -7.00 17.35
C HIS B 433 -7.41 -7.07 16.21
N ASN B 434 -7.26 -8.10 15.39
CA ASN B 434 -8.09 -8.33 14.22
C ASN B 434 -8.99 -9.55 14.37
N VAL B 435 -10.30 -9.34 14.30
CA VAL B 435 -11.25 -10.44 14.42
C VAL B 435 -12.13 -10.49 13.18
N CYS B 436 -12.52 -11.72 12.78
CA CYS B 436 -13.44 -11.90 11.66
C CYS B 436 -13.69 -13.38 11.35
N GLU B 437 -14.83 -13.66 10.73
CA GLU B 437 -15.17 -15.02 10.34
C GLU B 437 -14.12 -15.37 9.29
N ASP B 438 -13.16 -16.20 9.69
CA ASP B 438 -12.06 -16.59 8.81
C ASP B 438 -12.49 -17.05 7.41
N SER B 439 -13.53 -17.87 7.34
CA SER B 439 -14.01 -18.37 6.04
C SER B 439 -14.72 -17.35 5.17
N LEU B 440 -15.18 -16.25 5.77
CA LEU B 440 -15.86 -15.21 4.99
C LEU B 440 -14.83 -14.36 4.27
N LEU B 441 -13.57 -14.52 4.65
CA LEU B 441 -12.48 -13.81 4.01
C LEU B 441 -11.78 -14.79 3.05
N ALA B 442 -11.74 -16.06 3.44
CA ALA B 442 -11.09 -17.07 2.63
C ALA B 442 -11.94 -17.50 1.44
N THR B 443 -13.26 -17.54 1.63
CA THR B 443 -14.14 -17.93 0.53
C THR B 443 -13.94 -17.04 -0.68
N PRO B 444 -14.13 -15.71 -0.51
CA PRO B 444 -13.96 -14.80 -1.65
C PRO B 444 -12.56 -14.82 -2.27
N LEU B 445 -11.56 -15.15 -1.47
CA LEU B 445 -10.21 -15.20 -1.98
C LEU B 445 -10.14 -16.41 -2.92
N ILE B 446 -10.89 -17.47 -2.59
CA ILE B 446 -10.91 -18.65 -3.42
C ILE B 446 -11.64 -18.34 -4.72
N ILE B 447 -12.70 -17.54 -4.64
CA ILE B 447 -13.44 -17.15 -5.82
C ILE B 447 -12.48 -16.39 -6.75
N ASP B 448 -11.68 -15.50 -6.19
CA ASP B 448 -10.73 -14.73 -6.99
C ASP B 448 -9.70 -15.63 -7.67
N LEU B 449 -9.21 -16.63 -6.94
CA LEU B 449 -8.23 -17.55 -7.51
C LEU B 449 -8.79 -18.33 -8.71
N LEU B 450 -10.02 -18.79 -8.58
CA LEU B 450 -10.68 -19.53 -9.63
C LEU B 450 -10.93 -18.65 -10.83
N VAL B 451 -11.47 -17.46 -10.59
CA VAL B 451 -11.75 -16.50 -11.66
C VAL B 451 -10.50 -16.08 -12.42
N MET B 452 -9.40 -15.85 -11.70
CA MET B 452 -8.16 -15.43 -12.35
C MET B 452 -7.41 -16.58 -13.01
N THR B 453 -7.59 -17.80 -12.50
CA THR B 453 -6.92 -18.94 -13.11
C THR B 453 -7.61 -19.22 -14.44
N GLU B 454 -8.94 -19.16 -14.43
CA GLU B 454 -9.72 -19.40 -15.63
C GLU B 454 -9.32 -18.35 -16.69
N PHE B 455 -9.17 -17.11 -16.26
CA PHE B 455 -8.78 -16.03 -17.17
C PHE B 455 -7.41 -16.29 -17.78
N CYS B 456 -6.44 -16.65 -16.94
CA CYS B 456 -5.10 -16.90 -17.41
C CYS B 456 -5.01 -18.04 -18.42
N THR B 457 -5.93 -18.98 -18.35
CA THR B 457 -5.89 -20.10 -19.27
C THR B 457 -6.27 -19.67 -20.69
N ARG B 458 -6.98 -18.55 -20.80
CA ARG B 458 -7.38 -18.03 -22.10
C ARG B 458 -6.40 -16.99 -22.62
N VAL B 459 -5.19 -16.98 -22.06
CA VAL B 459 -4.16 -16.03 -22.45
C VAL B 459 -2.92 -16.76 -22.95
N SER B 460 -2.39 -16.30 -24.09
CA SER B 460 -1.19 -16.87 -24.68
C SER B 460 -0.32 -15.71 -25.16
N TYR B 461 0.99 -15.94 -25.26
CA TYR B 461 1.90 -14.89 -25.67
C TYR B 461 3.05 -15.39 -26.55
N LYS B 462 3.79 -14.45 -27.12
CA LYS B 462 4.94 -14.79 -27.94
C LYS B 462 5.88 -13.59 -28.00
N LYS B 463 7.18 -13.87 -27.87
CA LYS B 463 8.20 -12.83 -27.93
C LYS B 463 8.27 -12.30 -29.36
N VAL B 464 9.18 -11.38 -29.61
CA VAL B 464 9.34 -10.81 -30.95
C VAL B 464 10.73 -10.23 -31.12
N LYS B 473 5.22 -19.25 -32.83
CA LYS B 473 3.97 -19.77 -32.28
C LYS B 473 3.73 -19.30 -30.85
N PHE B 474 2.49 -18.91 -30.57
CA PHE B 474 2.13 -18.46 -29.24
C PHE B 474 2.36 -19.57 -28.22
N GLU B 475 2.67 -19.17 -26.98
CA GLU B 475 2.91 -20.11 -25.89
C GLU B 475 1.97 -19.79 -24.73
N ASN B 476 2.02 -20.61 -23.69
CA ASN B 476 1.16 -20.39 -22.53
C ASN B 476 1.91 -19.87 -21.34
N PHE B 477 1.15 -19.45 -20.34
CA PHE B 477 1.68 -18.96 -19.09
C PHE B 477 2.45 -20.06 -18.36
N TYR B 478 3.76 -19.90 -18.26
CA TYR B 478 4.59 -20.89 -17.57
C TYR B 478 3.73 -21.51 -16.45
N PRO B 479 3.64 -22.86 -16.41
CA PRO B 479 2.87 -23.65 -15.43
C PRO B 479 2.49 -22.92 -14.14
N VAL B 480 3.49 -22.35 -13.47
CA VAL B 480 3.27 -21.62 -12.24
C VAL B 480 2.66 -20.24 -12.52
N LEU B 481 1.41 -20.07 -12.13
CA LEU B 481 0.72 -18.80 -12.33
C LEU B 481 1.04 -17.88 -11.13
N THR B 482 2.25 -17.31 -11.16
CA THR B 482 2.71 -16.44 -10.09
C THR B 482 1.88 -15.14 -10.02
N PHE B 483 1.06 -14.93 -11.05
CA PHE B 483 0.19 -13.75 -11.10
C PHE B 483 -0.83 -13.78 -9.96
N LEU B 484 -0.98 -14.95 -9.34
CA LEU B 484 -1.94 -15.13 -8.26
C LEU B 484 -1.32 -15.02 -6.86
N SER B 485 -0.07 -14.55 -6.78
CA SER B 485 0.62 -14.42 -5.50
C SER B 485 -0.08 -13.51 -4.50
N TYR B 486 -1.00 -12.67 -4.98
CA TYR B 486 -1.77 -11.77 -4.13
C TYR B 486 -2.64 -12.57 -3.15
N TRP B 487 -2.96 -13.80 -3.53
CA TRP B 487 -3.82 -14.67 -2.72
C TRP B 487 -3.12 -15.89 -2.11
N LEU B 488 -1.79 -15.91 -2.13
CA LEU B 488 -1.06 -17.06 -1.57
C LEU B 488 0.13 -16.65 -0.68
N LYS B 489 0.13 -17.18 0.55
CA LYS B 489 1.17 -16.90 1.55
C LYS B 489 2.54 -17.45 1.22
N ALA B 490 2.60 -18.55 0.49
CA ALA B 490 3.87 -19.16 0.12
C ALA B 490 4.04 -19.17 -1.40
N PRO B 491 4.05 -17.97 -2.02
CA PRO B 491 4.20 -17.86 -3.47
C PRO B 491 5.14 -18.88 -4.12
N LEU B 492 4.57 -19.73 -4.98
CA LEU B 492 5.33 -20.74 -5.70
C LEU B 492 5.97 -20.01 -6.88
N THR B 493 7.29 -20.13 -7.03
CA THR B 493 7.97 -19.43 -8.11
C THR B 493 8.75 -20.33 -9.04
N ARG B 494 9.33 -19.73 -10.09
CA ARG B 494 10.14 -20.45 -11.05
C ARG B 494 11.50 -20.69 -10.43
N PRO B 495 12.15 -21.82 -10.75
CA PRO B 495 13.47 -22.12 -10.17
C PRO B 495 14.48 -20.97 -10.34
N GLY B 496 15.08 -20.56 -9.23
CA GLY B 496 16.05 -19.48 -9.27
C GLY B 496 15.51 -18.12 -8.83
N PHE B 497 14.23 -17.90 -9.09
CA PHE B 497 13.56 -16.66 -8.73
C PHE B 497 12.96 -16.69 -7.32
N HIS B 498 13.20 -15.63 -6.56
CA HIS B 498 12.68 -15.53 -5.20
C HIS B 498 11.31 -14.88 -5.24
N PRO B 499 10.34 -15.48 -4.54
CA PRO B 499 8.97 -14.94 -4.50
C PRO B 499 8.87 -13.55 -3.92
N VAL B 500 7.91 -12.78 -4.43
CA VAL B 500 7.67 -11.43 -3.96
C VAL B 500 6.36 -11.48 -3.19
N ASN B 501 6.26 -10.72 -2.11
CA ASN B 501 5.06 -10.75 -1.29
C ASN B 501 4.38 -9.40 -1.04
N GLY B 502 5.03 -8.31 -1.45
CA GLY B 502 4.43 -7.00 -1.26
C GLY B 502 3.05 -7.01 -1.86
N LEU B 503 2.04 -7.25 -1.03
CA LEU B 503 0.66 -7.31 -1.48
C LEU B 503 0.29 -6.24 -2.50
N ASN B 504 0.60 -4.98 -2.18
CA ASN B 504 0.29 -3.88 -3.09
C ASN B 504 0.99 -4.07 -4.44
N LYS B 505 2.22 -4.57 -4.39
CA LYS B 505 2.97 -4.82 -5.61
C LYS B 505 2.26 -5.96 -6.35
N GLN B 506 1.89 -7.00 -5.61
CA GLN B 506 1.21 -8.15 -6.18
C GLN B 506 -0.10 -7.75 -6.86
N ARG B 507 -0.82 -6.77 -6.31
CA ARG B 507 -2.06 -6.34 -6.93
C ARG B 507 -1.71 -5.44 -8.11
N THR B 508 -0.57 -4.77 -8.03
CA THR B 508 -0.12 -3.88 -9.10
C THR B 508 0.11 -4.72 -10.36
N ALA B 509 0.81 -5.84 -10.21
CA ALA B 509 1.09 -6.73 -11.32
C ALA B 509 -0.19 -7.09 -12.04
N LEU B 510 -1.18 -7.60 -11.31
CA LEU B 510 -2.45 -7.98 -11.92
C LEU B 510 -3.11 -6.80 -12.62
N GLU B 511 -3.08 -5.64 -11.97
CA GLU B 511 -3.70 -4.46 -12.54
C GLU B 511 -3.06 -4.08 -13.87
N ASN B 512 -1.73 -4.08 -13.90
CA ASN B 512 -1.00 -3.73 -15.11
C ASN B 512 -1.12 -4.78 -16.19
N PHE B 513 -1.34 -6.03 -15.80
CA PHE B 513 -1.49 -7.10 -16.77
C PHE B 513 -2.79 -6.85 -17.52
N LEU B 514 -3.87 -6.63 -16.78
CA LEU B 514 -5.15 -6.36 -17.39
C LEU B 514 -5.06 -5.09 -18.24
N ARG B 515 -4.25 -4.14 -17.79
CA ARG B 515 -4.10 -2.88 -18.51
C ARG B 515 -3.37 -3.06 -19.84
N LEU B 516 -2.26 -3.80 -19.82
CA LEU B 516 -1.49 -4.02 -21.05
C LEU B 516 -2.26 -4.83 -22.09
N LEU B 517 -3.19 -5.67 -21.64
CA LEU B 517 -3.98 -6.47 -22.58
C LEU B 517 -4.95 -5.60 -23.35
N ILE B 518 -5.37 -4.48 -22.77
CA ILE B 518 -6.29 -3.59 -23.48
C ILE B 518 -5.59 -2.33 -23.98
N GLY B 519 -4.27 -2.41 -24.11
CA GLY B 519 -3.49 -1.30 -24.63
C GLY B 519 -3.18 -0.11 -23.74
N LEU B 520 -3.30 -0.27 -22.42
CA LEU B 520 -3.01 0.83 -21.49
C LEU B 520 -1.68 0.59 -20.79
N PRO B 521 -0.86 1.63 -20.62
CA PRO B 521 0.43 1.44 -19.94
C PRO B 521 0.25 1.34 -18.43
N SER B 522 1.31 1.02 -17.71
CA SER B 522 1.21 0.90 -16.25
C SER B 522 0.92 2.27 -15.61
N GLN B 523 0.24 2.24 -14.48
CA GLN B 523 -0.09 3.46 -13.72
C GLN B 523 1.21 4.09 -13.25
N ASN B 524 1.39 5.39 -13.49
CA ASN B 524 2.62 6.03 -13.06
C ASN B 524 2.37 7.03 -11.93
N GLU B 525 1.12 7.48 -11.79
CA GLU B 525 0.71 8.41 -10.74
C GLU B 525 1.37 9.78 -10.84
N LEU B 526 1.93 10.10 -12.01
CA LEU B 526 2.62 11.37 -12.21
C LEU B 526 1.67 12.56 -12.31
N ARG B 527 0.45 12.30 -12.73
CA ARG B 527 -0.56 13.34 -12.87
C ARG B 527 0.01 14.67 -13.36
N PHE B 528 0.68 14.65 -14.51
CA PHE B 528 1.25 15.87 -15.06
C PHE B 528 0.18 16.87 -15.50
N GLU B 529 -1.06 16.40 -15.68
CA GLU B 529 -2.13 17.31 -16.06
C GLU B 529 -2.34 18.34 -14.97
N GLU B 530 -1.87 18.01 -13.76
CA GLU B 530 -2.00 18.90 -12.62
C GLU B 530 -0.66 19.47 -12.15
N ARG B 531 0.33 18.61 -11.97
CA ARG B 531 1.64 19.03 -11.48
C ARG B 531 2.40 19.98 -12.41
N LEU B 532 2.22 19.80 -13.72
CA LEU B 532 2.91 20.65 -14.67
C LEU B 532 1.96 21.72 -15.21
N LEU B 533 2.53 22.85 -15.64
CA LEU B 533 1.73 23.94 -16.17
C LEU B 533 1.12 23.55 -17.52
MN MN C . 5.15 17.03 18.33
C1 D6P D . -3.63 15.69 18.20
C2 D6P D . -2.19 16.16 17.84
C3 D6P D . -1.97 16.26 16.32
C4 D6P D . -1.56 14.84 15.85
C5 D6P D . -1.53 14.77 14.30
C6 D6P D . -1.81 13.41 14.01
O1 D6P D . -3.81 14.33 17.83
O3 D6P D . -0.97 17.20 16.02
O4 D6P D . -0.29 14.56 16.39
O5 D6P D . -2.52 15.65 13.81
C7 D6P D . -1.20 12.87 12.98
P D6P D . -1.51 11.45 12.68
O1P D6P D . -0.85 11.10 11.24
O2P D6P D . -0.87 10.57 13.87
O3P D6P D . -3.10 11.27 12.65
PA NAI E . 4.25 23.08 19.78
O1A NAI E . 3.14 23.70 20.47
O2A NAI E . 5.21 22.44 20.70
O5B NAI E . 5.17 24.08 18.93
C5B NAI E . 4.62 25.20 18.19
C4B NAI E . 5.40 26.39 18.48
O4B NAI E . 4.85 27.47 17.68
C3B NAI E . 5.35 26.90 19.93
O3B NAI E . 6.67 26.99 20.51
C2B NAI E . 4.58 28.25 19.83
O2B NAI E . 5.10 29.24 20.76
C1B NAI E . 4.88 28.67 18.40
N9A NAI E . 3.87 29.59 17.81
C8A NAI E . 2.49 29.58 17.92
N7A NAI E . 1.86 30.52 17.15
C5A NAI E . 2.92 31.18 16.55
C6A NAI E . 2.97 32.27 15.58
N6A NAI E . 1.88 32.90 15.13
N1A NAI E . 4.23 32.61 15.10
C2A NAI E . 5.38 31.95 15.58
N3A NAI E . 5.42 30.99 16.50
C4A NAI E . 4.17 30.62 16.95
O3 NAI E . 3.69 22.04 18.75
PN NAI E . 4.36 20.95 17.81
O1N NAI E . 4.10 19.64 18.48
O2N NAI E . 5.78 21.28 17.55
O5D NAI E . 3.45 21.03 16.51
C5D NAI E . 3.51 22.23 15.73
C4D NAI E . 2.41 22.20 14.68
O4D NAI E . 2.65 21.08 13.77
C3D NAI E . 0.95 22.13 15.20
O3D NAI E . 0.01 22.88 14.40
C2D NAI E . 0.72 20.62 15.07
O2D NAI E . -0.69 20.29 15.11
C1D NAI E . 1.43 20.35 13.71
N1N NAI E . 1.69 18.92 13.41
C2N NAI E . 2.57 18.27 14.28
C3N NAI E . 2.72 16.91 14.27
C7N NAI E . 3.49 16.30 15.40
O7N NAI E . 3.80 15.12 15.38
N7N NAI E . 3.84 17.09 16.43
C4N NAI E . 1.92 16.09 13.31
C5N NAI E . 1.01 16.77 12.40
C6N NAI E . 0.89 18.16 12.48
PA NAI F . -11.69 -27.39 7.38
O1A NAI F . -11.06 -28.15 8.47
O2A NAI F . -13.11 -27.08 7.64
O5B NAI F . -11.70 -28.26 5.98
C5B NAI F . -10.98 -29.54 5.92
C4B NAI F . -11.84 -30.73 6.24
O4B NAI F . -10.99 -31.93 6.16
C3B NAI F . -12.94 -31.15 5.33
O3B NAI F . -13.79 -30.13 4.97
C2B NAI F . -12.11 -31.83 4.21
O2B NAI F . -11.17 -30.94 3.53
C1B NAI F . -11.33 -32.76 5.04
N9A NAI F . -10.13 -33.30 4.41
C8A NAI F . -8.92 -33.56 5.03
N7A NAI F . -8.03 -34.27 4.30
C5A NAI F . -8.72 -34.47 3.11
C6A NAI F . -8.37 -35.21 1.92
N6A NAI F . -7.21 -35.88 1.82
N1A NAI F . -9.29 -35.19 0.86
C2A NAI F . -10.50 -34.48 0.98
N3A NAI F . -10.93 -33.83 2.08
C4A NAI F . -10.00 -33.85 3.11
O3 NAI F . -10.81 -26.15 7.06
PN NAI F . -10.95 -24.81 6.17
O1N NAI F . -11.12 -23.70 7.16
O2N NAI F . -12.06 -24.95 5.20
O5D NAI F . -9.50 -24.69 5.51
C5D NAI F . -9.04 -25.77 4.68
C4D NAI F . -7.56 -25.58 4.36
O4D NAI F . -7.36 -24.35 3.59
C3D NAI F . -6.61 -25.56 5.56
O3D NAI F . -6.13 -26.83 6.02
C2D NAI F . -5.47 -24.71 5.01
O2D NAI F . -4.47 -25.52 4.37
C1D NAI F . -6.13 -23.76 4.00
N1N NAI F . -6.29 -22.35 4.45
C2N NAI F . -7.55 -21.96 4.97
C3N NAI F . -7.74 -20.65 5.45
C7N NAI F . -9.10 -20.25 6.02
O7N NAI F . -9.29 -19.12 6.42
N7N NAI F . -10.11 -21.13 6.05
C4N NAI F . -6.62 -19.66 5.38
C5N NAI F . -5.34 -20.08 4.83
C6N NAI F . -5.19 -21.40 4.38
#